data_9KVK
#
_entry.id   9KVK
#
_cell.length_a   1.00
_cell.length_b   1.00
_cell.length_c   1.00
_cell.angle_alpha   90.00
_cell.angle_beta   90.00
_cell.angle_gamma   90.00
#
_symmetry.space_group_name_H-M   'P 1'
#
loop_
_entity.id
_entity.type
_entity.pdbx_description
1 polymer 'Light chain of nAb 3E2'
2 polymer 'Heavy chain of nAb 3E2'
3 polymer 'Light chain of nAb 8H12'
4 polymer 'Heavy chain of nAb 8H12'
5 polymer 'Spike protein S1'
6 polymer 'Light chain of nAb 8H12'
7 polymer 'Heavy chain of nAb 8H12'
8 branched beta-D-mannopyranose-(1-4)-2-acetamido-2-deoxy-beta-D-glucopyranose-(1-4)-2-acetamido-2-deoxy-beta-D-glucopyranose
#
loop_
_entity_poly.entity_id
_entity_poly.type
_entity_poly.pdbx_seq_one_letter_code
_entity_poly.pdbx_strand_id
1 'polypeptide(L)'
;QIVLTQSPAIMSASLGEEITLTCSVSSSVSDMHWYQQKSGTSPKVFIYSTSNLASGVPSRFSGSGSGTFYSLTISSVEAE
DAAYYYCHQWSSWTFGGGTKLEIK
;
L
2 'polypeptide(L)'
;EVMLVESGGGVVKPGGSLKLSCAASGFSFSTYAMSWIRQTPEKSLEWVAAISSGGTNTYYPGSVKGRFTISRDKAMNTLY
LQLSSLRSEDTAMYYCVRHSGNYVDSVMDYWGQGTSVTVSS
;
H
3 'polypeptide(L)'
;DIVMTQFQKFMSTSVGDRVSITCKASQNVRTAVAWYQQKPGQSPKAMIYLASNRHRGVPDRFTGSGCGTDFTLTISNVQC
EDLADYFCLQHRNYPLTFGGGTKLEIK
;
B
4 'polypeptide(L)'
;EVKLEESGGGLVQPGGSMKLSCAASGFTFSDAWMDWVRQSPEKGLEWVAQIRRKANNHATYYAESVKGRFTISRDDSKSS
VYLQMNSLRAEDTGIYYCIRGMTYAMDFWGQGTSVTVS
;
A
5 'polypeptide(L)'
;TNLCPFGEVFNATRFASVYAWNRKRISNCVADYSVLYNSASFSTFKCYGVSPTKLNDLCFTNVYADSFVIRGDEVRQIAP
GQTGKIADYNYKLPDDFTGCVIAWNSNNLDSKVGGNYNYLYRLFRKSNLKPFERDISTEIYQAGSTPCNGVEGFNCYFPL
QSYGFQPTNGVGYQPYRVVVLSFELLHAPATVCG
;
G
6 'polypeptide(L)'
;DIVLTQSPATLSVTPGDNVSLSCRASQIISNNLHWYQQKSHESPRLLIKYASQSISGIPSRFSGSGSGTDFTLSINSVET
EDFGMYFCQQSNTWPLTCGSGTKLELN
;
D
7 'polypeptide(L)'
;QIQLVQSGPELKKPGETVKISCKASGYTFTDYGLNWVKQAPGKGLKWMGWINTYSGEPTYNDEFRGRFAFSLETSTITAY
LKINNLKNEDTATYFCARGGNWDWYFDVWGAGTTVTVSS
;
C
#
# COMPACT_ATOMS: atom_id res chain seq x y z
N GLN A 1 6.66 5.26 5.06
CA GLN A 1 5.52 4.39 5.34
C GLN A 1 5.18 4.39 6.84
N ILE A 2 4.98 3.20 7.40
CA ILE A 2 4.57 3.06 8.79
C ILE A 2 5.72 3.42 9.71
N VAL A 3 5.46 4.34 10.65
CA VAL A 3 6.36 4.61 11.76
C VAL A 3 5.62 4.29 13.06
N LEU A 4 6.22 3.46 13.89
CA LEU A 4 5.66 3.11 15.19
C LEU A 4 6.44 3.89 16.24
N THR A 5 5.85 4.96 16.74
CA THR A 5 6.51 5.85 17.68
C THR A 5 5.87 5.71 19.05
N GLN A 6 6.70 5.49 20.06
CA GLN A 6 6.26 5.42 21.45
C GLN A 6 6.88 6.57 22.21
N SER A 7 6.05 7.30 22.96
CA SER A 7 6.52 8.47 23.68
C SER A 7 6.07 8.38 25.14
N PRO A 8 6.96 8.64 26.11
CA PRO A 8 8.40 8.84 25.90
C PRO A 8 9.17 7.53 26.01
N ALA A 9 10.48 7.59 25.73
CA ALA A 9 11.30 6.38 25.76
C ALA A 9 11.57 5.91 27.17
N ILE A 10 11.37 6.76 28.17
CA ILE A 10 11.57 6.40 29.58
C ILE A 10 10.36 6.90 30.36
N MET A 11 9.63 5.97 30.97
CA MET A 11 8.49 6.31 31.82
C MET A 11 8.66 5.66 33.18
N SER A 12 8.30 6.40 34.22
CA SER A 12 8.63 6.00 35.58
C SER A 12 7.38 6.05 36.45
N ALA A 13 7.15 4.98 37.21
CA ALA A 13 6.08 4.94 38.19
C ALA A 13 6.51 4.16 39.41
N SER A 14 6.10 4.62 40.58
CA SER A 14 6.35 3.91 41.82
C SER A 14 5.39 2.74 41.96
N LEU A 15 5.70 1.84 42.89
CA LEU A 15 4.87 0.65 43.06
C LEU A 15 3.58 1.03 43.76
N GLY A 16 2.46 0.79 43.09
CA GLY A 16 1.15 1.18 43.62
C GLY A 16 0.40 2.11 42.70
N GLU A 17 1.02 2.51 41.60
CA GLU A 17 0.44 3.41 40.63
C GLU A 17 0.04 2.67 39.36
N GLU A 18 -0.85 3.28 38.59
CA GLU A 18 -1.25 2.76 37.29
C GLU A 18 -0.58 3.56 36.19
N ILE A 19 0.20 2.89 35.36
CA ILE A 19 0.92 3.54 34.29
C ILE A 19 0.40 2.99 32.96
N THR A 20 0.50 3.80 31.91
CA THR A 20 0.03 3.41 30.59
C THR A 20 1.10 3.73 29.55
N LEU A 21 1.25 2.83 28.58
CA LEU A 21 2.25 2.95 27.54
C LEU A 21 1.55 2.98 26.20
N THR A 22 1.79 4.02 25.40
CA THR A 22 1.11 4.21 24.15
C THR A 22 2.03 3.88 22.97
N CYS A 23 1.43 3.58 21.82
CA CYS A 23 2.16 3.22 20.61
C CYS A 23 1.39 3.77 19.41
N SER A 24 1.78 4.94 18.95
CA SER A 24 1.08 5.58 17.84
C SER A 24 1.55 5.01 16.51
N VAL A 25 0.62 4.93 15.56
CA VAL A 25 0.90 4.40 14.22
C VAL A 25 0.61 5.54 13.24
N SER A 26 1.30 5.54 12.10
CA SER A 26 1.10 6.60 11.11
C SER A 26 -0.25 6.45 10.42
N SER A 27 -0.42 5.39 9.65
CA SER A 27 -1.70 5.13 9.01
C SER A 27 -2.41 4.00 9.74
N SER A 28 -3.57 3.60 9.23
CA SER A 28 -4.46 2.71 9.96
C SER A 28 -4.01 1.27 9.83
N VAL A 29 -3.73 0.63 10.96
CA VAL A 29 -3.48 -0.80 11.02
C VAL A 29 -4.62 -1.44 11.82
N SER A 30 -4.73 -2.76 11.74
CA SER A 30 -5.85 -3.46 12.36
C SER A 30 -5.57 -3.76 13.83
N ASP A 31 -4.50 -4.48 14.11
CA ASP A 31 -4.13 -4.78 15.49
C ASP A 31 -2.67 -4.44 15.75
N MET A 32 -2.15 -4.84 16.91
CA MET A 32 -0.82 -4.47 17.37
C MET A 32 -0.39 -5.34 18.55
N HIS A 33 0.76 -5.98 18.45
CA HIS A 33 1.27 -6.85 19.50
C HIS A 33 2.25 -6.10 20.38
N TRP A 34 2.42 -6.60 21.60
CA TRP A 34 3.25 -5.94 22.60
C TRP A 34 4.24 -6.93 23.20
N TYR A 35 5.53 -6.61 23.12
CA TYR A 35 6.58 -7.47 23.63
C TYR A 35 7.28 -6.83 24.82
N GLN A 36 8.03 -7.66 25.56
CA GLN A 36 8.85 -7.19 26.68
C GLN A 36 10.21 -7.83 26.59
N GLN A 37 11.26 -7.02 26.59
CA GLN A 37 12.64 -7.49 26.64
C GLN A 37 13.26 -6.99 27.94
N LYS A 38 13.73 -7.92 28.77
CA LYS A 38 14.38 -7.56 30.02
C LYS A 38 15.82 -7.13 29.75
N SER A 39 16.60 -6.95 30.82
CA SER A 39 17.98 -6.50 30.68
C SER A 39 18.88 -7.72 30.61
N GLY A 40 18.97 -8.32 29.42
CA GLY A 40 19.88 -9.40 29.17
C GLY A 40 19.27 -10.70 28.69
N THR A 41 18.01 -10.71 28.27
CA THR A 41 17.40 -11.90 27.69
C THR A 41 16.73 -11.53 26.38
N SER A 42 16.17 -12.55 25.72
CA SER A 42 15.40 -12.35 24.52
C SER A 42 14.05 -11.73 24.86
N PRO A 43 13.42 -11.04 23.92
CA PRO A 43 12.06 -10.54 24.16
C PRO A 43 11.05 -11.67 24.18
N LYS A 44 10.01 -11.49 24.97
CA LYS A 44 8.87 -12.41 25.03
C LYS A 44 7.61 -11.66 24.69
N VAL A 45 6.57 -12.39 24.32
CA VAL A 45 5.29 -11.80 23.93
C VAL A 45 4.39 -11.67 25.15
N PHE A 46 3.78 -10.49 25.31
CA PHE A 46 2.79 -10.28 26.36
C PHE A 46 1.37 -10.18 25.82
N ILE A 47 1.12 -9.29 24.87
CA ILE A 47 -0.23 -9.06 24.35
C ILE A 47 -0.23 -9.25 22.85
N TYR A 48 -1.14 -10.07 22.36
CA TYR A 48 -1.35 -10.26 20.93
C TYR A 48 -2.79 -9.89 20.58
N SER A 49 -2.94 -9.28 19.40
CA SER A 49 -4.22 -8.75 18.88
C SER A 49 -4.84 -7.73 19.84
N THR A 50 -3.99 -6.92 20.47
CA THR A 50 -4.26 -5.73 21.28
C THR A 50 -5.03 -5.96 22.58
N SER A 51 -5.57 -7.14 22.82
CA SER A 51 -6.30 -7.36 24.06
C SER A 51 -6.09 -8.72 24.69
N ASN A 52 -5.58 -9.70 23.96
CA ASN A 52 -5.43 -11.03 24.52
C ASN A 52 -4.12 -11.13 25.28
N LEU A 53 -4.16 -11.76 26.43
CA LEU A 53 -2.97 -11.97 27.25
C LEU A 53 -2.32 -13.29 26.87
N ALA A 54 -0.99 -13.31 26.88
CA ALA A 54 -0.26 -14.49 26.45
C ALA A 54 -0.28 -15.57 27.54
N SER A 55 0.40 -16.67 27.26
CA SER A 55 0.47 -17.78 28.22
C SER A 55 1.42 -17.42 29.36
N GLY A 56 0.94 -17.59 30.59
CA GLY A 56 1.78 -17.39 31.76
C GLY A 56 2.13 -15.96 32.07
N VAL A 57 1.32 -15.00 31.67
CA VAL A 57 1.57 -13.59 31.97
C VAL A 57 0.66 -13.21 33.14
N PRO A 58 1.00 -12.18 33.92
CA PRO A 58 0.11 -11.79 35.02
C PRO A 58 -1.17 -11.16 34.51
N SER A 59 -2.18 -11.18 35.38
CA SER A 59 -3.47 -10.54 35.07
C SER A 59 -3.53 -9.11 35.58
N ARG A 60 -2.50 -8.33 35.25
CA ARG A 60 -2.46 -6.91 35.58
C ARG A 60 -2.20 -6.12 34.31
N PHE A 61 -1.44 -6.72 33.40
CA PHE A 61 -1.27 -6.14 32.07
C PHE A 61 -2.58 -6.21 31.31
N SER A 62 -3.06 -5.07 30.83
CA SER A 62 -4.29 -5.01 30.07
C SER A 62 -4.19 -3.89 29.06
N GLY A 63 -4.24 -4.24 27.79
CA GLY A 63 -4.17 -3.27 26.72
C GLY A 63 -5.45 -3.24 25.91
N SER A 64 -5.69 -2.11 25.24
CA SER A 64 -6.84 -1.96 24.36
C SER A 64 -6.56 -0.82 23.39
N GLY A 65 -7.41 -0.71 22.38
CA GLY A 65 -7.31 0.36 21.40
C GLY A 65 -7.36 -0.18 19.99
N SER A 66 -7.86 0.65 19.08
CA SER A 66 -7.92 0.29 17.67
C SER A 66 -7.74 1.54 16.83
N GLY A 67 -7.27 1.35 15.60
CA GLY A 67 -7.03 2.47 14.71
C GLY A 67 -5.56 2.80 14.59
N THR A 68 -5.19 4.03 14.99
CA THR A 68 -3.80 4.47 14.95
C THR A 68 -3.26 4.81 16.34
N PHE A 69 -3.87 4.29 17.39
CA PHE A 69 -3.41 4.59 18.74
C PHE A 69 -3.68 3.37 19.62
N TYR A 70 -2.63 2.67 19.99
CA TYR A 70 -2.73 1.48 20.84
C TYR A 70 -2.05 1.73 22.17
N SER A 71 -2.59 1.11 23.22
CA SER A 71 -2.14 1.37 24.57
C SER A 71 -1.95 0.07 25.33
N LEU A 72 -1.08 0.12 26.33
CA LEU A 72 -0.88 -0.97 27.29
C LEU A 72 -0.85 -0.35 28.68
N THR A 73 -1.83 -0.70 29.51
CA THR A 73 -1.97 -0.15 30.85
C THR A 73 -1.63 -1.23 31.86
N ILE A 74 -0.78 -0.89 32.83
CA ILE A 74 -0.44 -1.77 33.93
C ILE A 74 -1.21 -1.27 35.16
N SER A 75 -1.99 -2.17 35.77
CA SER A 75 -2.92 -1.75 36.82
C SER A 75 -2.19 -1.36 38.09
N SER A 76 -1.45 -2.30 38.68
CA SER A 76 -0.64 -2.03 39.86
C SER A 76 0.77 -2.53 39.56
N VAL A 77 1.65 -1.62 39.15
CA VAL A 77 3.01 -1.98 38.79
C VAL A 77 3.78 -2.35 40.06
N GLU A 78 4.49 -3.46 40.01
CA GLU A 78 5.36 -3.89 41.09
C GLU A 78 6.81 -3.68 40.68
N ALA A 79 7.74 -4.14 41.51
CA ALA A 79 9.16 -3.98 41.21
C ALA A 79 9.67 -4.99 40.18
N GLU A 80 8.87 -6.00 39.83
CA GLU A 80 9.32 -6.99 38.86
C GLU A 80 9.28 -6.43 37.45
N ASP A 81 8.27 -5.62 37.13
CA ASP A 81 8.09 -5.13 35.77
C ASP A 81 8.94 -3.89 35.55
N ALA A 82 10.22 -4.14 35.28
CA ALA A 82 11.18 -3.08 34.92
C ALA A 82 11.93 -3.56 33.69
N ALA A 83 11.37 -3.31 32.51
CA ALA A 83 11.94 -3.82 31.27
C ALA A 83 11.42 -2.99 30.11
N TYR A 84 12.10 -3.14 28.97
CA TYR A 84 11.70 -2.45 27.75
C TYR A 84 10.40 -3.03 27.20
N TYR A 85 9.64 -2.19 26.51
CA TYR A 85 8.38 -2.62 25.90
C TYR A 85 8.33 -2.15 24.46
N TYR A 86 8.32 -3.10 23.53
CA TYR A 86 8.27 -2.82 22.11
C TYR A 86 6.91 -3.22 21.54
N CYS A 87 6.37 -2.37 20.67
CA CYS A 87 5.14 -2.67 19.96
C CYS A 87 5.47 -2.94 18.51
N HIS A 88 4.86 -3.96 17.93
CA HIS A 88 5.09 -4.29 16.53
C HIS A 88 3.84 -4.87 15.90
N GLN A 89 3.53 -4.40 14.70
CA GLN A 89 2.45 -4.92 13.89
C GLN A 89 3.04 -5.46 12.60
N TRP A 90 2.33 -6.41 12.00
CA TRP A 90 2.63 -7.05 10.72
C TRP A 90 3.16 -6.09 9.66
N SER A 91 2.51 -4.94 9.50
CA SER A 91 2.85 -4.03 8.41
C SER A 91 3.81 -2.93 8.85
N SER A 92 5.00 -3.30 9.29
CA SER A 92 5.88 -2.21 9.69
C SER A 92 7.30 -2.27 9.14
N TRP A 93 7.89 -3.47 9.05
CA TRP A 93 9.32 -3.79 8.87
C TRP A 93 10.23 -3.34 10.01
N THR A 94 9.68 -2.70 11.03
CA THR A 94 10.50 -2.20 12.13
C THR A 94 9.64 -2.15 13.38
N PHE A 95 10.29 -2.28 14.53
CA PHE A 95 9.57 -2.37 15.78
C PHE A 95 9.33 -0.96 16.32
N GLY A 96 8.80 -0.87 17.54
CA GLY A 96 8.63 0.41 18.17
C GLY A 96 9.95 0.96 18.67
N GLY A 97 9.87 2.16 19.24
CA GLY A 97 11.08 2.78 19.78
C GLY A 97 11.56 2.09 21.05
N GLY A 98 10.63 1.64 21.87
CA GLY A 98 10.99 0.95 23.09
C GLY A 98 10.81 1.82 24.32
N THR A 99 9.70 1.62 25.02
CA THR A 99 9.39 2.40 26.21
C THR A 99 9.97 1.68 27.41
N LYS A 100 11.04 2.24 27.98
CA LYS A 100 11.57 1.70 29.22
C LYS A 100 10.66 2.06 30.38
N LEU A 101 10.53 1.12 31.32
CA LEU A 101 9.74 1.33 32.52
C LEU A 101 10.65 1.11 33.72
N GLU A 102 10.77 2.12 34.56
CA GLU A 102 11.63 2.04 35.74
C GLU A 102 10.83 2.30 37.00
N ILE A 103 11.22 1.63 38.08
CA ILE A 103 10.58 1.85 39.36
C ILE A 103 11.08 3.15 39.97
N LYS A 104 10.37 3.62 40.99
CA LYS A 104 10.71 4.88 41.63
C LYS A 104 11.10 4.65 43.09
N GLU B 1 9.74 -28.84 26.00
CA GLU B 1 8.96 -27.86 25.27
C GLU B 1 9.77 -27.26 24.13
N VAL B 2 9.24 -26.17 23.55
CA VAL B 2 9.86 -25.55 22.38
C VAL B 2 11.16 -24.87 22.78
N MET B 3 12.24 -25.23 22.09
CA MET B 3 13.56 -24.66 22.33
C MET B 3 14.16 -24.25 21.01
N LEU B 4 14.81 -23.08 20.99
CA LEU B 4 15.42 -22.55 19.78
C LEU B 4 16.83 -22.09 20.12
N VAL B 5 17.83 -22.74 19.53
CA VAL B 5 19.23 -22.36 19.71
C VAL B 5 19.83 -22.03 18.36
N GLU B 6 20.76 -21.09 18.35
CA GLU B 6 21.39 -20.59 17.14
C GLU B 6 22.83 -21.07 17.04
N SER B 7 23.47 -20.69 15.92
CA SER B 7 24.83 -21.08 15.63
C SER B 7 25.38 -20.16 14.54
N GLY B 8 26.68 -20.24 14.31
CA GLY B 8 27.32 -19.61 13.19
C GLY B 8 27.82 -18.20 13.42
N GLY B 9 27.31 -17.49 14.42
CA GLY B 9 27.68 -16.10 14.60
C GLY B 9 29.07 -15.93 15.18
N GLY B 10 29.72 -14.84 14.79
CA GLY B 10 31.08 -14.57 15.20
C GLY B 10 31.60 -13.26 14.66
N VAL B 11 32.83 -13.27 14.14
CA VAL B 11 33.46 -12.09 13.56
C VAL B 11 33.68 -12.33 12.08
N VAL B 12 33.25 -11.38 11.25
CA VAL B 12 33.49 -11.41 9.82
C VAL B 12 34.11 -10.08 9.41
N LYS B 13 34.75 -10.09 8.26
CA LYS B 13 35.22 -8.79 7.78
C LYS B 13 34.20 -8.18 6.82
N PRO B 14 34.16 -6.85 6.72
CA PRO B 14 33.19 -6.20 5.82
C PRO B 14 33.38 -6.60 4.37
N GLY B 15 32.32 -7.13 3.77
CA GLY B 15 32.38 -7.76 2.48
C GLY B 15 32.46 -9.27 2.52
N GLY B 16 32.53 -9.85 3.72
CA GLY B 16 32.59 -11.30 3.86
C GLY B 16 31.22 -11.94 3.85
N SER B 17 31.11 -13.07 4.54
CA SER B 17 29.86 -13.81 4.58
C SER B 17 29.78 -14.63 5.86
N LEU B 18 28.59 -15.15 6.12
CA LEU B 18 28.31 -15.99 7.28
C LEU B 18 27.00 -16.72 7.03
N LYS B 19 26.75 -17.75 7.82
CA LYS B 19 25.55 -18.56 7.68
C LYS B 19 25.07 -18.98 9.07
N LEU B 20 24.02 -18.35 9.57
CA LEU B 20 23.44 -18.71 10.85
C LEU B 20 22.47 -19.87 10.67
N SER B 21 22.37 -20.71 11.70
CA SER B 21 21.50 -21.87 11.69
C SER B 21 20.80 -22.00 13.02
N CYS B 22 19.49 -22.23 12.96
CA CYS B 22 18.61 -22.20 14.14
C CYS B 22 17.94 -23.56 14.29
N ALA B 23 18.41 -24.36 15.23
CA ALA B 23 17.86 -25.69 15.47
C ALA B 23 16.58 -25.55 16.29
N ALA B 24 15.46 -25.95 15.70
CA ALA B 24 14.16 -25.91 16.37
C ALA B 24 13.75 -27.32 16.76
N SER B 25 13.30 -27.50 18.00
CA SER B 25 12.94 -28.81 18.49
C SER B 25 11.92 -28.67 19.61
N GLY B 26 10.80 -29.36 19.49
CA GLY B 26 9.79 -29.35 20.53
C GLY B 26 8.38 -29.19 19.99
N PHE B 27 8.25 -29.13 18.67
CA PHE B 27 6.95 -28.95 18.04
C PHE B 27 7.00 -29.57 16.65
N SER B 28 5.82 -29.73 16.07
CA SER B 28 5.72 -30.08 14.65
C SER B 28 6.18 -28.88 13.82
N PHE B 29 7.29 -29.06 13.10
CA PHE B 29 8.06 -27.93 12.59
C PHE B 29 7.43 -27.29 11.36
N SER B 30 7.03 -28.08 10.38
CA SER B 30 6.75 -27.57 9.05
C SER B 30 5.35 -26.98 8.90
N THR B 31 4.69 -26.60 9.99
CA THR B 31 3.40 -25.92 9.90
C THR B 31 3.38 -24.58 10.59
N TYR B 32 4.55 -24.02 10.91
CA TYR B 32 4.65 -22.71 11.55
C TYR B 32 5.63 -21.86 10.77
N ALA B 33 5.24 -20.63 10.48
CA ALA B 33 6.12 -19.69 9.79
C ALA B 33 7.11 -19.10 10.78
N MET B 34 8.36 -18.97 10.35
CA MET B 34 9.43 -18.48 11.20
C MET B 34 10.12 -17.30 10.54
N SER B 35 10.78 -16.49 11.36
CA SER B 35 11.46 -15.30 10.87
C SER B 35 12.75 -15.11 11.64
N TRP B 36 13.59 -14.21 11.15
CA TRP B 36 14.80 -13.78 11.83
C TRP B 36 14.67 -12.32 12.20
N ILE B 37 15.22 -11.94 13.35
CA ILE B 37 15.08 -10.59 13.89
C ILE B 37 16.43 -10.16 14.45
N ARG B 38 16.92 -9.01 14.02
CA ARG B 38 18.19 -8.51 14.50
C ARG B 38 17.98 -7.34 15.45
N GLN B 39 19.00 -7.04 16.24
CA GLN B 39 18.93 -6.00 17.26
C GLN B 39 20.24 -5.22 17.26
N THR B 40 20.20 -4.01 16.71
CA THR B 40 21.33 -3.09 16.72
C THR B 40 21.66 -2.73 18.16
N PRO B 41 22.94 -2.47 18.49
CA PRO B 41 23.30 -2.11 19.87
C PRO B 41 22.69 -0.83 20.44
N GLU B 42 21.91 -0.07 19.68
CA GLU B 42 21.01 0.92 20.25
C GLU B 42 19.70 0.32 20.73
N LYS B 43 19.56 -1.00 20.65
CA LYS B 43 18.39 -1.77 21.10
C LYS B 43 17.10 -1.31 20.42
N SER B 44 17.08 -1.48 19.11
CA SER B 44 15.93 -1.15 18.28
C SER B 44 15.74 -2.29 17.28
N LEU B 45 14.75 -3.14 17.54
CA LEU B 45 14.55 -4.35 16.74
C LEU B 45 14.00 -4.02 15.36
N GLU B 46 14.20 -4.95 14.43
CA GLU B 46 13.60 -4.91 13.10
C GLU B 46 13.67 -6.31 12.51
N TRP B 47 12.86 -6.55 11.48
CA TRP B 47 12.98 -7.81 10.77
C TRP B 47 14.19 -7.76 9.85
N VAL B 48 14.69 -8.94 9.50
CA VAL B 48 15.62 -9.07 8.38
C VAL B 48 15.17 -10.10 7.35
N ALA B 49 14.36 -11.09 7.73
CA ALA B 49 13.90 -12.12 6.81
C ALA B 49 12.67 -12.78 7.42
N ALA B 50 11.81 -13.31 6.55
CA ALA B 50 10.61 -13.99 7.01
C ALA B 50 10.18 -14.97 5.96
N ILE B 51 9.94 -16.22 6.36
CA ILE B 51 9.49 -17.27 5.45
C ILE B 51 8.12 -17.73 5.94
N SER B 52 7.29 -18.22 5.01
CA SER B 52 5.97 -18.73 5.34
C SER B 52 6.10 -20.17 5.87
N SER B 53 4.97 -20.84 6.00
CA SER B 53 4.98 -22.19 6.56
C SER B 53 5.57 -23.20 5.57
N GLY B 54 5.00 -23.27 4.37
CA GLY B 54 5.45 -24.21 3.38
C GLY B 54 6.76 -23.89 2.69
N GLY B 55 7.36 -22.74 2.99
CA GLY B 55 8.62 -22.40 2.37
C GLY B 55 8.51 -21.89 0.95
N THR B 56 7.34 -21.42 0.54
CA THR B 56 7.15 -20.94 -0.82
C THR B 56 7.20 -19.42 -0.93
N ASN B 57 7.18 -18.70 0.18
CA ASN B 57 7.15 -17.24 0.16
C ASN B 57 8.17 -16.71 1.15
N THR B 58 9.09 -15.88 0.69
CA THR B 58 10.06 -15.19 1.53
C THR B 58 9.93 -13.69 1.32
N TYR B 59 10.07 -12.93 2.42
CA TYR B 59 9.98 -11.48 2.37
C TYR B 59 11.16 -10.87 3.10
N TYR B 60 11.86 -9.94 2.46
CA TYR B 60 12.96 -9.20 3.05
C TYR B 60 12.72 -7.70 2.92
N PRO B 61 13.17 -6.90 3.88
CA PRO B 61 12.98 -5.45 3.78
C PRO B 61 13.88 -4.81 2.74
N GLY B 62 13.75 -3.49 2.57
CA GLY B 62 14.47 -2.80 1.53
C GLY B 62 15.96 -2.63 1.79
N SER B 63 16.38 -2.73 3.04
CA SER B 63 17.79 -2.50 3.37
C SER B 63 18.66 -3.72 3.08
N VAL B 64 18.11 -4.92 3.24
CA VAL B 64 18.88 -6.13 3.09
C VAL B 64 18.36 -7.00 1.94
N LYS B 65 17.76 -6.38 0.95
CA LYS B 65 17.18 -7.14 -0.17
C LYS B 65 18.29 -7.63 -1.10
N GLY B 66 18.23 -8.92 -1.44
CA GLY B 66 19.14 -9.51 -2.38
C GLY B 66 20.38 -10.12 -1.78
N ARG B 67 20.77 -9.71 -0.57
CA ARG B 67 21.98 -10.23 0.05
C ARG B 67 21.73 -11.06 1.30
N PHE B 68 20.50 -11.11 1.80
CA PHE B 68 20.11 -12.03 2.87
C PHE B 68 19.16 -13.05 2.27
N THR B 69 19.55 -14.33 2.31
CA THR B 69 18.74 -15.39 1.73
C THR B 69 18.34 -16.35 2.85
N ILE B 70 17.09 -16.27 3.28
CA ILE B 70 16.56 -17.21 4.26
C ILE B 70 16.18 -18.51 3.54
N SER B 71 16.27 -19.62 4.26
CA SER B 71 15.92 -20.92 3.71
C SER B 71 15.54 -21.85 4.85
N ARG B 72 14.65 -22.79 4.55
CA ARG B 72 14.12 -23.71 5.54
C ARG B 72 14.65 -25.12 5.28
N ASP B 73 14.80 -25.88 6.36
CA ASP B 73 15.23 -27.28 6.29
C ASP B 73 14.19 -28.11 7.01
N LYS B 74 13.70 -29.16 6.36
CA LYS B 74 12.72 -30.05 6.98
C LYS B 74 13.35 -31.33 7.52
N ALA B 75 14.49 -31.74 6.97
CA ALA B 75 15.11 -33.00 7.38
C ALA B 75 15.84 -32.84 8.72
N MET B 76 16.82 -31.93 8.76
CA MET B 76 17.65 -31.73 9.94
C MET B 76 16.94 -30.86 10.99
N ASN B 77 15.74 -30.36 10.67
CA ASN B 77 14.88 -29.57 11.57
C ASN B 77 15.57 -28.29 12.03
N THR B 78 16.06 -27.52 11.05
CA THR B 78 16.74 -26.26 11.33
C THR B 78 16.17 -25.12 10.50
N LEU B 79 16.84 -23.98 10.51
CA LEU B 79 16.43 -22.81 9.73
C LEU B 79 17.65 -21.96 9.48
N TYR B 80 17.91 -21.61 8.22
CA TYR B 80 19.15 -20.96 7.82
C TYR B 80 18.90 -19.52 7.40
N LEU B 81 19.88 -18.66 7.69
CA LEU B 81 19.90 -17.29 7.18
C LEU B 81 21.32 -17.00 6.71
N GLN B 82 21.50 -16.95 5.40
CA GLN B 82 22.82 -16.77 4.80
C GLN B 82 23.09 -15.29 4.58
N LEU B 83 24.06 -14.75 5.31
CA LEU B 83 24.47 -13.36 5.15
C LEU B 83 25.60 -13.28 4.13
N SER B 84 25.54 -12.28 3.27
CA SER B 84 26.57 -12.08 2.25
C SER B 84 26.66 -10.59 1.94
N SER B 85 27.88 -10.15 1.60
CA SER B 85 28.22 -8.76 1.30
C SER B 85 27.83 -7.83 2.45
N LEU B 86 28.34 -8.15 3.62
CA LEU B 86 27.93 -7.49 4.85
C LEU B 86 28.54 -6.10 4.93
N ARG B 87 27.79 -5.18 5.52
CA ARG B 87 28.24 -3.82 5.74
C ARG B 87 28.62 -3.64 7.20
N SER B 88 28.97 -2.41 7.58
CA SER B 88 29.35 -2.13 8.96
C SER B 88 28.15 -1.84 9.85
N GLU B 89 26.96 -1.63 9.27
CA GLU B 89 25.75 -1.42 10.05
C GLU B 89 25.00 -2.71 10.33
N ASP B 90 25.54 -3.85 9.92
CA ASP B 90 24.96 -5.15 10.24
C ASP B 90 25.53 -5.74 11.52
N THR B 91 26.14 -4.90 12.37
CA THR B 91 26.52 -5.33 13.71
C THR B 91 25.26 -5.39 14.57
N ALA B 92 24.86 -6.59 14.96
CA ALA B 92 23.61 -6.77 15.69
C ALA B 92 23.65 -8.09 16.43
N MET B 93 22.52 -8.47 17.02
CA MET B 93 22.30 -9.78 17.60
C MET B 93 21.05 -10.36 16.95
N TYR B 94 21.18 -11.54 16.35
CA TYR B 94 20.16 -12.06 15.43
C TYR B 94 19.33 -13.11 16.15
N TYR B 95 18.06 -12.80 16.39
CA TYR B 95 17.15 -13.71 17.04
C TYR B 95 16.40 -14.55 16.01
N CYS B 96 16.19 -15.82 16.33
CA CYS B 96 15.44 -16.74 15.49
C CYS B 96 14.07 -16.95 16.11
N VAL B 97 13.04 -16.43 15.45
CA VAL B 97 11.73 -16.29 16.07
C VAL B 97 10.72 -17.16 15.33
N ARG B 98 9.64 -17.53 16.02
CA ARG B 98 8.59 -18.36 15.47
C ARG B 98 7.25 -17.64 15.59
N HIS B 99 6.47 -17.63 14.51
CA HIS B 99 5.15 -17.04 14.55
C HIS B 99 4.16 -18.05 15.16
N SER B 100 2.87 -17.75 15.06
CA SER B 100 1.84 -18.63 15.61
C SER B 100 1.13 -19.47 14.57
N GLY B 101 0.78 -18.91 13.42
CA GLY B 101 0.03 -19.60 12.41
C GLY B 101 0.89 -20.12 11.29
N ASN B 102 0.25 -20.34 10.13
CA ASN B 102 0.96 -20.83 8.96
C ASN B 102 1.32 -19.72 7.99
N TYR B 103 1.53 -18.50 8.48
CA TYR B 103 1.91 -17.37 7.64
C TYR B 103 2.62 -16.36 8.52
N VAL B 104 3.09 -15.27 7.91
CA VAL B 104 3.90 -14.27 8.61
C VAL B 104 3.01 -13.16 9.15
N ASP B 105 1.71 -13.39 9.21
CA ASP B 105 0.77 -12.41 9.74
C ASP B 105 0.39 -12.70 11.18
N SER B 106 1.08 -13.61 11.84
CA SER B 106 0.74 -14.01 13.19
C SER B 106 1.69 -13.35 14.19
N VAL B 107 1.52 -13.66 15.46
CA VAL B 107 2.31 -13.05 16.53
C VAL B 107 3.50 -13.95 16.83
N MET B 108 4.62 -13.33 17.15
CA MET B 108 5.89 -14.01 17.40
C MET B 108 5.88 -14.64 18.78
N ASP B 109 5.58 -15.94 18.84
CA ASP B 109 5.38 -16.61 20.13
C ASP B 109 6.69 -16.85 20.87
N TYR B 110 7.58 -17.64 20.29
CA TYR B 110 8.77 -18.13 20.98
C TYR B 110 10.02 -17.62 20.26
N TRP B 111 10.86 -16.90 20.99
CA TRP B 111 12.08 -16.32 20.47
C TRP B 111 13.26 -17.20 20.87
N GLY B 112 14.37 -17.03 20.16
CA GLY B 112 15.56 -17.81 20.40
C GLY B 112 16.40 -17.25 21.53
N GLN B 113 17.73 -17.39 21.39
CA GLN B 113 18.67 -16.84 22.35
C GLN B 113 19.49 -15.69 21.80
N GLY B 114 19.82 -15.72 20.52
CA GLY B 114 20.48 -14.58 19.90
C GLY B 114 21.99 -14.67 19.89
N THR B 115 22.58 -14.79 18.70
CA THR B 115 24.02 -14.80 18.53
C THR B 115 24.48 -13.46 17.96
N SER B 116 25.70 -13.07 18.30
CA SER B 116 26.20 -11.76 17.95
C SER B 116 27.06 -11.82 16.71
N VAL B 117 26.73 -11.02 15.71
CA VAL B 117 27.45 -11.00 14.44
C VAL B 117 28.07 -9.61 14.31
N THR B 118 29.30 -9.47 14.78
CA THR B 118 30.02 -8.21 14.68
C THR B 118 30.83 -8.18 13.39
N VAL B 119 30.76 -7.07 12.67
CA VAL B 119 31.42 -6.93 11.37
C VAL B 119 32.49 -5.86 11.52
N SER B 120 33.74 -6.29 11.65
CA SER B 120 34.87 -5.36 11.73
C SER B 120 36.13 -6.12 11.36
N SER B 121 37.24 -5.37 11.27
CA SER B 121 38.60 -5.88 10.99
C SER B 121 38.70 -6.71 9.71
N ASP C 1 -23.68 35.92 10.78
CA ASP C 1 -22.99 34.64 10.70
C ASP C 1 -23.77 33.53 11.38
N ILE C 2 -23.13 32.38 11.51
CA ILE C 2 -23.71 31.21 12.17
C ILE C 2 -22.93 31.01 13.46
N VAL C 3 -23.58 31.24 14.59
CA VAL C 3 -22.93 31.13 15.88
C VAL C 3 -23.09 29.71 16.40
N MET C 4 -22.07 29.21 17.08
CA MET C 4 -22.13 27.96 17.81
C MET C 4 -22.02 28.27 19.29
N THR C 5 -22.98 27.80 20.06
CA THR C 5 -22.95 27.98 21.49
C THR C 5 -22.43 26.72 22.16
N GLN C 6 -22.11 26.84 23.44
CA GLN C 6 -21.51 25.75 24.18
C GLN C 6 -21.91 25.96 25.64
N PHE C 7 -22.87 25.16 26.11
CA PHE C 7 -23.57 25.43 27.36
C PHE C 7 -22.68 25.23 28.58
N GLN C 8 -21.63 24.43 28.45
CA GLN C 8 -20.81 24.03 29.58
C GLN C 8 -19.45 24.69 29.48
N LYS C 9 -19.21 25.69 30.32
CA LYS C 9 -17.89 26.30 30.42
C LYS C 9 -16.97 25.60 31.41
N PHE C 10 -17.50 24.66 32.19
CA PHE C 10 -16.70 23.84 33.10
C PHE C 10 -17.38 22.49 33.23
N MET C 11 -16.67 21.41 32.90
CA MET C 11 -17.15 20.06 33.13
C MET C 11 -16.10 19.31 33.94
N SER C 12 -16.40 19.08 35.22
CA SER C 12 -15.45 18.43 36.12
C SER C 12 -15.86 16.98 36.29
N THR C 13 -14.87 16.10 36.34
CA THR C 13 -15.07 14.67 36.50
C THR C 13 -13.92 14.09 37.31
N SER C 14 -13.96 12.78 37.49
CA SER C 14 -12.83 12.06 38.04
C SER C 14 -12.24 11.16 36.95
N VAL C 15 -11.15 10.48 37.29
CA VAL C 15 -10.49 9.60 36.33
C VAL C 15 -11.32 8.35 36.13
N GLY C 16 -11.73 8.11 34.88
CA GLY C 16 -12.43 6.89 34.54
C GLY C 16 -13.90 7.01 34.25
N ASP C 17 -14.46 8.22 34.25
CA ASP C 17 -15.86 8.42 33.91
C ASP C 17 -15.95 8.91 32.47
N ARG C 18 -17.18 9.22 32.04
CA ARG C 18 -17.46 9.65 30.69
C ARG C 18 -18.07 11.04 30.72
N VAL C 19 -17.47 11.96 29.96
CA VAL C 19 -17.95 13.33 29.83
C VAL C 19 -18.44 13.53 28.41
N SER C 20 -19.53 14.28 28.25
CA SER C 20 -20.12 14.55 26.93
C SER C 20 -20.28 16.06 26.77
N ILE C 21 -19.35 16.67 26.05
CA ILE C 21 -19.38 18.10 25.76
C ILE C 21 -20.29 18.32 24.56
N THR C 22 -21.13 19.36 24.63
CA THR C 22 -22.09 19.62 23.57
C THR C 22 -21.82 20.96 22.89
N CYS C 23 -22.37 21.11 21.68
CA CYS C 23 -22.15 22.32 20.88
C CYS C 23 -23.32 22.45 19.92
N LYS C 24 -24.26 23.34 20.24
CA LYS C 24 -25.43 23.57 19.42
C LYS C 24 -25.13 24.58 18.31
N ALA C 25 -25.83 24.43 17.19
CA ALA C 25 -25.70 25.34 16.05
C ALA C 25 -26.88 26.30 16.00
N SER C 26 -26.67 27.46 15.37
CA SER C 26 -27.73 28.44 15.24
C SER C 26 -28.76 27.99 14.20
N GLN C 27 -28.34 27.82 12.96
CA GLN C 27 -29.18 27.25 11.92
C GLN C 27 -28.60 25.91 11.52
N ASN C 28 -29.22 25.29 10.51
CA ASN C 28 -28.82 23.95 10.11
C ASN C 28 -27.49 23.95 9.38
N VAL C 29 -26.44 23.51 10.07
CA VAL C 29 -25.19 23.11 9.43
C VAL C 29 -25.26 21.61 9.24
N ARG C 30 -24.75 21.12 8.12
CA ARG C 30 -25.09 19.76 7.71
C ARG C 30 -24.30 18.73 8.50
N THR C 31 -23.02 18.60 8.23
CA THR C 31 -22.15 17.75 9.02
C THR C 31 -20.80 18.42 9.19
N ALA C 32 -20.72 19.68 8.78
CA ALA C 32 -19.44 20.37 8.65
C ALA C 32 -19.07 21.06 9.96
N VAL C 33 -18.78 20.23 10.96
CA VAL C 33 -18.33 20.70 12.27
C VAL C 33 -17.03 19.96 12.63
N ALA C 34 -16.05 20.70 13.15
CA ALA C 34 -14.81 20.12 13.62
C ALA C 34 -14.64 20.39 15.11
N TRP C 35 -13.72 19.65 15.73
CA TRP C 35 -13.43 19.78 17.16
C TRP C 35 -11.93 19.96 17.36
N TYR C 36 -11.56 20.64 18.45
CA TYR C 36 -10.16 20.92 18.74
C TYR C 36 -9.90 20.78 20.23
N GLN C 37 -8.68 20.40 20.58
CA GLN C 37 -8.27 20.20 21.97
C GLN C 37 -7.01 21.00 22.22
N GLN C 38 -7.07 21.93 23.17
CA GLN C 38 -5.96 22.83 23.46
C GLN C 38 -5.50 22.61 24.89
N LYS C 39 -4.36 21.95 25.05
CA LYS C 39 -3.70 21.89 26.35
C LYS C 39 -3.17 23.28 26.71
N PRO C 40 -3.20 23.64 28.00
CA PRO C 40 -2.82 25.01 28.41
C PRO C 40 -1.33 25.26 28.21
N GLY C 41 -1.01 26.29 27.42
CA GLY C 41 0.34 26.58 27.03
C GLY C 41 0.75 26.09 25.67
N GLN C 42 -0.22 25.63 24.86
CA GLN C 42 0.09 25.02 23.58
C GLN C 42 -0.73 25.67 22.46
N SER C 43 -0.70 25.06 21.28
CA SER C 43 -1.53 25.25 20.11
C SER C 43 -2.49 24.07 19.98
N PRO C 44 -3.73 24.30 19.54
CA PRO C 44 -4.72 23.22 19.53
C PRO C 44 -4.40 22.15 18.49
N LYS C 45 -4.59 20.91 18.87
CA LYS C 45 -4.44 19.76 18.00
C LYS C 45 -5.82 19.23 17.62
N ALA C 46 -6.04 19.03 16.33
CA ALA C 46 -7.35 18.61 15.84
C ALA C 46 -7.64 17.16 16.20
N MET C 47 -8.89 16.88 16.51
CA MET C 47 -9.33 15.54 16.87
C MET C 47 -10.40 15.00 15.94
N ILE C 48 -11.44 15.77 15.66
CA ILE C 48 -12.58 15.33 14.86
C ILE C 48 -12.71 16.23 13.65
N TYR C 49 -12.75 15.64 12.47
CA TYR C 49 -13.03 16.37 11.24
C TYR C 49 -14.30 15.81 10.60
N LEU C 50 -15.13 16.73 10.11
CA LEU C 50 -16.46 16.45 9.54
C LEU C 50 -17.38 15.73 10.52
N ALA C 51 -17.22 16.03 11.81
CA ALA C 51 -18.12 15.75 12.94
C ALA C 51 -18.25 14.27 13.29
N SER C 52 -17.71 13.34 12.52
CA SER C 52 -17.75 11.93 12.91
C SER C 52 -16.44 11.18 12.71
N ASN C 53 -15.57 11.61 11.82
CA ASN C 53 -14.30 10.94 11.58
C ASN C 53 -13.26 11.40 12.59
N ARG C 54 -12.19 10.63 12.72
CA ARG C 54 -11.14 10.91 13.68
C ARG C 54 -9.80 11.08 12.98
N HIS C 55 -8.89 11.77 13.64
CA HIS C 55 -7.60 12.09 13.05
C HIS C 55 -6.65 10.90 13.17
N ARG C 56 -5.37 11.15 12.88
CA ARG C 56 -4.34 10.14 12.93
C ARG C 56 -3.50 10.36 14.18
N GLY C 57 -3.58 9.42 15.12
CA GLY C 57 -2.90 9.56 16.39
C GLY C 57 -3.79 9.99 17.54
N VAL C 58 -5.09 10.14 17.31
CA VAL C 58 -6.05 10.47 18.36
C VAL C 58 -6.63 9.15 18.84
N PRO C 59 -6.75 8.92 20.16
CA PRO C 59 -7.14 7.59 20.66
C PRO C 59 -8.57 7.17 20.33
N ASP C 60 -8.93 5.95 20.72
CA ASP C 60 -10.27 5.44 20.49
C ASP C 60 -11.29 6.12 21.39
N ARG C 61 -10.85 6.76 22.47
CA ARG C 61 -11.73 7.33 23.47
C ARG C 61 -12.48 8.55 22.96
N PHE C 62 -11.79 9.46 22.25
CA PHE C 62 -12.43 10.65 21.74
C PHE C 62 -13.32 10.35 20.54
N THR C 63 -14.58 10.01 20.78
CA THR C 63 -15.54 9.78 19.72
C THR C 63 -16.61 10.85 19.76
N GLY C 64 -17.19 11.15 18.61
CA GLY C 64 -18.18 12.21 18.54
C GLY C 64 -19.00 12.11 17.28
N SER C 65 -20.26 12.51 17.38
CA SER C 65 -21.16 12.52 16.24
C SER C 65 -22.22 13.59 16.47
N GLY C 66 -23.08 13.76 15.49
CA GLY C 66 -24.14 14.76 15.54
C GLY C 66 -24.39 15.33 14.15
N CYS C 67 -25.65 15.68 13.90
CA CYS C 67 -26.06 16.26 12.63
C CYS C 67 -27.14 17.28 12.90
N GLY C 68 -27.35 18.18 11.94
CA GLY C 68 -28.42 19.14 12.08
C GLY C 68 -28.04 20.31 12.97
N THR C 69 -28.52 20.29 14.20
CA THR C 69 -28.27 21.34 15.16
C THR C 69 -27.33 20.93 16.29
N ASP C 70 -27.45 19.71 16.81
CA ASP C 70 -26.74 19.29 18.01
C ASP C 70 -25.50 18.47 17.62
N PHE C 71 -24.38 18.76 18.27
CA PHE C 71 -23.13 18.05 18.07
C PHE C 71 -22.49 17.79 19.43
N THR C 72 -22.18 16.53 19.71
CA THR C 72 -21.65 16.11 21.01
C THR C 72 -20.36 15.33 20.84
N LEU C 73 -19.34 15.71 21.61
CA LEU C 73 -18.07 15.00 21.68
C LEU C 73 -18.02 14.29 23.03
N THR C 74 -18.05 12.97 23.02
CA THR C 74 -18.05 12.18 24.25
C THR C 74 -16.71 11.48 24.42
N ILE C 75 -16.06 11.72 25.55
CA ILE C 75 -14.78 11.11 25.87
C ILE C 75 -15.00 10.06 26.94
N SER C 76 -14.24 8.97 26.85
CA SER C 76 -14.40 7.83 27.75
C SER C 76 -13.06 7.49 28.38
N ASN C 77 -13.12 7.00 29.63
CA ASN C 77 -11.96 6.66 30.45
C ASN C 77 -10.99 7.83 30.55
N VAL C 78 -11.46 8.90 31.17
CA VAL C 78 -10.76 10.18 31.18
C VAL C 78 -9.46 10.06 31.95
N GLN C 79 -8.34 10.19 31.25
CA GLN C 79 -7.05 10.18 31.88
C GLN C 79 -6.75 11.56 32.47
N CYS C 80 -5.61 11.69 33.13
CA CYS C 80 -5.21 12.99 33.66
C CYS C 80 -4.58 13.88 32.61
N GLU C 81 -4.39 13.38 31.39
CA GLU C 81 -3.83 14.18 30.30
C GLU C 81 -4.92 14.85 29.48
N ASP C 82 -6.17 14.75 29.91
CA ASP C 82 -7.29 15.37 29.20
C ASP C 82 -7.85 16.57 29.96
N LEU C 83 -6.99 17.35 30.62
CA LEU C 83 -7.40 18.67 31.08
C LEU C 83 -7.03 19.67 29.98
N ALA C 84 -8.03 20.23 29.32
CA ALA C 84 -7.81 21.03 28.13
C ALA C 84 -9.03 21.89 27.86
N ASP C 85 -8.90 22.75 26.85
CA ASP C 85 -10.01 23.53 26.34
C ASP C 85 -10.51 22.88 25.06
N TYR C 86 -11.82 22.71 24.93
CA TYR C 86 -12.41 21.96 23.83
C TYR C 86 -13.34 22.88 23.05
N PHE C 87 -12.96 23.18 21.80
CA PHE C 87 -13.68 24.10 20.95
C PHE C 87 -14.42 23.36 19.85
N CYS C 88 -15.37 24.05 19.22
CA CYS C 88 -16.10 23.51 18.08
C CYS C 88 -16.24 24.59 17.03
N LEU C 89 -15.83 24.27 15.80
CA LEU C 89 -15.94 25.17 14.66
C LEU C 89 -16.91 24.58 13.66
N GLN C 90 -17.75 25.43 13.09
CA GLN C 90 -18.53 25.10 11.91
C GLN C 90 -17.90 25.74 10.68
N HIS C 91 -17.95 25.04 9.55
CA HIS C 91 -17.39 25.57 8.33
C HIS C 91 -18.38 25.39 7.19
N ARG C 92 -19.65 25.73 7.45
CA ARG C 92 -20.68 25.65 6.42
C ARG C 92 -20.48 26.75 5.41
N ASN C 93 -20.59 28.01 5.83
CA ASN C 93 -20.28 29.11 4.95
C ASN C 93 -19.20 29.97 5.58
N TYR C 94 -18.65 30.88 4.78
CA TYR C 94 -17.29 31.37 5.00
C TYR C 94 -17.05 32.21 6.24
N PRO C 95 -18.02 32.88 6.85
CA PRO C 95 -17.82 33.25 8.27
C PRO C 95 -17.74 31.98 9.11
N LEU C 96 -16.53 31.66 9.55
CA LEU C 96 -16.25 30.43 10.29
C LEU C 96 -16.12 30.79 11.77
N THR C 97 -17.07 30.34 12.57
CA THR C 97 -17.16 30.74 13.96
C THR C 97 -16.77 29.58 14.86
N PHE C 98 -15.80 29.83 15.74
CA PHE C 98 -15.44 28.87 16.76
C PHE C 98 -16.47 28.87 17.88
N GLY C 99 -16.45 27.81 18.68
CA GLY C 99 -17.29 27.75 19.86
C GLY C 99 -16.69 28.53 21.02
N GLY C 100 -17.37 28.45 22.16
CA GLY C 100 -16.88 29.14 23.34
C GLY C 100 -15.69 28.45 23.96
N GLY C 101 -15.81 27.15 24.21
CA GLY C 101 -14.75 26.41 24.87
C GLY C 101 -15.24 25.72 26.12
N THR C 102 -14.60 24.63 26.52
CA THR C 102 -14.95 23.88 27.72
C THR C 102 -13.67 23.44 28.40
N LYS C 103 -13.42 23.96 29.60
CA LYS C 103 -12.24 23.59 30.37
C LYS C 103 -12.61 22.52 31.38
N LEU C 104 -11.87 21.40 31.34
CA LEU C 104 -12.11 20.28 32.23
C LEU C 104 -11.24 20.39 33.48
N GLU C 105 -11.64 19.66 34.52
CA GLU C 105 -10.79 19.49 35.70
C GLU C 105 -11.04 18.12 36.28
N ILE C 106 -9.96 17.44 36.67
CA ILE C 106 -10.06 16.20 37.41
C ILE C 106 -10.03 16.52 38.89
N LYS C 107 -11.02 16.04 39.63
CA LYS C 107 -11.16 16.36 41.05
C LYS C 107 -10.11 15.66 41.91
N GLU D 1 9.27 15.34 9.06
CA GLU D 1 7.84 15.58 9.22
C GLU D 1 7.50 17.07 9.05
N VAL D 2 6.27 17.43 9.39
CA VAL D 2 5.71 18.74 9.06
C VAL D 2 5.91 19.67 10.25
N LYS D 3 6.46 20.85 9.98
CA LYS D 3 6.54 21.93 10.96
C LYS D 3 6.19 23.24 10.28
N LEU D 4 5.69 24.19 11.06
CA LEU D 4 5.31 25.50 10.55
C LEU D 4 5.80 26.57 11.52
N GLU D 5 6.58 27.51 11.01
CA GLU D 5 7.13 28.60 11.81
C GLU D 5 6.35 29.87 11.54
N GLU D 6 6.47 30.85 12.44
CA GLU D 6 5.88 32.16 12.26
C GLU D 6 6.92 33.24 12.52
N SER D 7 6.51 34.49 12.31
CA SER D 7 7.38 35.64 12.51
C SER D 7 6.53 36.83 12.92
N GLY D 8 7.12 38.02 12.87
CA GLY D 8 6.40 39.25 13.13
C GLY D 8 5.96 39.44 14.56
N GLY D 9 6.84 39.16 15.51
CA GLY D 9 6.50 39.35 16.91
C GLY D 9 6.89 40.73 17.42
N GLY D 10 5.91 41.56 17.73
CA GLY D 10 6.19 42.89 18.23
C GLY D 10 4.91 43.65 18.48
N LEU D 11 5.06 44.80 19.14
CA LEU D 11 3.95 45.66 19.48
C LEU D 11 4.00 46.94 18.66
N VAL D 12 2.83 47.45 18.28
CA VAL D 12 2.71 48.66 17.48
C VAL D 12 2.03 49.72 18.32
N GLN D 13 2.21 50.98 17.94
CA GLN D 13 1.30 52.01 18.41
C GLN D 13 -0.02 51.89 17.66
N PRO D 14 -1.15 52.31 18.28
CA PRO D 14 -2.46 52.18 17.61
C PRO D 14 -2.59 53.00 16.35
N GLY D 15 -2.70 52.33 15.21
CA GLY D 15 -2.76 52.97 13.91
C GLY D 15 -1.67 52.55 12.94
N GLY D 16 -0.77 51.66 13.34
CA GLY D 16 0.33 51.23 12.50
C GLY D 16 0.01 49.97 11.72
N SER D 17 1.07 49.30 11.27
CA SER D 17 0.91 48.10 10.46
C SER D 17 2.11 47.18 10.66
N MET D 18 1.88 45.90 10.43
CA MET D 18 2.92 44.88 10.46
C MET D 18 2.61 43.84 9.39
N LYS D 19 3.61 43.01 9.10
CA LYS D 19 3.46 41.91 8.15
C LYS D 19 3.92 40.62 8.82
N LEU D 20 3.02 39.64 8.89
CA LEU D 20 3.36 38.33 9.43
C LEU D 20 3.78 37.40 8.32
N SER D 21 4.62 36.43 8.67
CA SER D 21 5.14 35.46 7.71
C SER D 21 5.06 34.07 8.31
N CYS D 22 4.70 33.09 7.49
CA CYS D 22 4.55 31.70 7.93
C CYS D 22 5.34 30.79 7.00
N ALA D 23 6.54 30.42 7.41
CA ALA D 23 7.39 29.54 6.60
C ALA D 23 7.06 28.10 6.94
N ALA D 24 6.77 27.31 5.90
CA ALA D 24 6.38 25.92 6.05
C ALA D 24 7.44 25.01 5.42
N SER D 25 7.47 23.77 5.88
CA SER D 25 8.41 22.78 5.38
C SER D 25 7.90 21.39 5.69
N GLY D 26 8.25 20.43 4.83
CA GLY D 26 7.94 19.03 5.05
C GLY D 26 6.79 18.47 4.25
N PHE D 27 6.18 19.25 3.37
CA PHE D 27 5.03 18.80 2.61
C PHE D 27 4.93 19.58 1.31
N THR D 28 4.06 19.12 0.43
CA THR D 28 3.81 19.78 -0.85
C THR D 28 2.98 21.04 -0.60
N PHE D 29 3.58 22.20 -0.80
CA PHE D 29 2.99 23.47 -0.40
C PHE D 29 1.87 23.92 -1.34
N SER D 30 1.90 23.51 -2.61
CA SER D 30 1.02 24.10 -3.60
C SER D 30 -0.43 23.62 -3.51
N ASP D 31 -0.73 22.65 -2.64
CA ASP D 31 -2.10 22.18 -2.43
C ASP D 31 -2.36 22.09 -0.92
N ALA D 32 -2.77 23.20 -0.33
CA ALA D 32 -3.09 23.27 1.09
C ALA D 32 -3.90 24.55 1.33
N TRP D 33 -5.14 24.41 1.78
CA TRP D 33 -5.97 25.57 2.07
C TRP D 33 -5.54 26.15 3.41
N MET D 34 -4.54 27.03 3.37
CA MET D 34 -3.89 27.52 4.58
C MET D 34 -4.60 28.75 5.11
N ASP D 35 -4.89 28.75 6.41
CA ASP D 35 -5.67 29.79 7.05
C ASP D 35 -4.84 30.55 8.08
N TRP D 36 -5.49 31.49 8.75
CA TRP D 36 -4.89 32.24 9.86
C TRP D 36 -5.95 32.43 10.93
N VAL D 37 -5.65 32.00 12.14
CA VAL D 37 -6.61 31.97 13.24
C VAL D 37 -6.02 32.70 14.45
N ARG D 38 -6.78 33.67 14.95
CA ARG D 38 -6.37 34.46 16.10
C ARG D 38 -7.10 33.95 17.33
N GLN D 39 -6.54 34.26 18.50
CA GLN D 39 -7.11 33.86 19.79
C GLN D 39 -6.85 34.97 20.79
N SER D 40 -7.93 35.45 21.43
CA SER D 40 -7.79 36.47 22.45
C SER D 40 -8.45 36.00 23.74
N PRO D 41 -7.87 36.32 24.90
CA PRO D 41 -8.42 35.82 26.18
C PRO D 41 -9.73 36.48 26.61
N GLU D 42 -10.23 37.48 25.89
CA GLU D 42 -11.49 38.11 26.23
C GLU D 42 -12.63 37.71 25.31
N LYS D 43 -12.35 37.32 24.07
CA LYS D 43 -13.39 36.89 23.14
C LYS D 43 -13.29 35.40 22.79
N GLY D 44 -12.10 34.82 22.89
CA GLY D 44 -11.94 33.42 22.54
C GLY D 44 -11.29 33.25 21.18
N LEU D 45 -11.57 32.12 20.57
CA LEU D 45 -11.01 31.80 19.26
C LEU D 45 -11.85 32.46 18.16
N GLU D 46 -11.16 33.07 17.20
CA GLU D 46 -11.82 33.73 16.07
C GLU D 46 -11.26 33.19 14.77
N TRP D 47 -11.54 33.85 13.66
CA TRP D 47 -11.03 33.45 12.35
C TRP D 47 -10.68 34.72 11.58
N VAL D 48 -9.51 34.74 10.97
CA VAL D 48 -8.99 35.95 10.32
C VAL D 48 -9.12 35.89 8.81
N ALA D 49 -8.47 34.91 8.17
CA ALA D 49 -8.36 34.93 6.73
C ALA D 49 -8.13 33.52 6.21
N GLN D 50 -8.08 33.41 4.88
CA GLN D 50 -7.93 32.14 4.20
C GLN D 50 -7.42 32.40 2.80
N ILE D 51 -6.44 31.60 2.36
CA ILE D 51 -6.05 31.55 0.96
C ILE D 51 -6.07 30.09 0.53
N ARG D 52 -6.60 29.84 -0.66
CA ARG D 52 -6.81 28.47 -1.12
C ARG D 52 -5.57 28.03 -1.92
N ARG D 53 -5.69 26.91 -2.63
CA ARG D 53 -4.57 26.34 -3.35
C ARG D 53 -4.58 26.82 -4.80
N LYS D 54 -3.58 26.35 -5.57
CA LYS D 54 -3.34 26.90 -6.91
C LYS D 54 -4.42 26.48 -7.90
N ALA D 55 -5.00 25.30 -7.73
CA ALA D 55 -6.03 24.80 -8.65
C ALA D 55 -7.33 25.61 -8.57
N ASN D 56 -7.56 26.35 -7.49
CA ASN D 56 -8.69 27.26 -7.41
C ASN D 56 -8.26 28.71 -7.60
N ASN D 57 -7.14 28.90 -8.29
CA ASN D 57 -6.62 30.21 -8.73
C ASN D 57 -6.30 31.14 -7.56
N HIS D 58 -5.92 30.54 -6.42
CA HIS D 58 -5.49 31.25 -5.20
C HIS D 58 -6.57 32.21 -4.69
N ALA D 59 -7.76 31.65 -4.45
CA ALA D 59 -8.86 32.46 -3.94
C ALA D 59 -8.61 32.86 -2.50
N THR D 60 -9.17 34.00 -2.11
CA THR D 60 -8.99 34.54 -0.77
C THR D 60 -10.33 34.81 -0.13
N TYR D 61 -10.39 34.65 1.18
CA TYR D 61 -11.59 34.90 1.97
C TYR D 61 -11.18 35.49 3.31
N TYR D 62 -11.97 36.45 3.79
CA TYR D 62 -11.68 37.17 5.02
C TYR D 62 -12.90 37.17 5.93
N ALA D 63 -12.68 37.56 7.17
CA ALA D 63 -13.76 37.69 8.14
C ALA D 63 -14.49 39.01 7.93
N GLU D 64 -15.42 39.32 8.84
CA GLU D 64 -16.18 40.56 8.71
C GLU D 64 -15.40 41.74 9.28
N SER D 65 -14.60 41.52 10.31
CA SER D 65 -13.92 42.62 10.99
C SER D 65 -12.61 43.03 10.33
N VAL D 66 -12.13 42.28 9.35
CA VAL D 66 -10.83 42.54 8.75
C VAL D 66 -10.91 42.78 7.25
N LYS D 67 -12.12 42.94 6.71
CA LYS D 67 -12.26 43.21 5.28
C LYS D 67 -11.85 44.65 4.99
N GLY D 68 -10.66 44.83 4.44
CA GLY D 68 -10.11 46.13 4.16
C GLY D 68 -8.87 46.48 4.96
N ARG D 69 -8.67 45.83 6.11
CA ARG D 69 -7.52 46.10 6.94
C ARG D 69 -6.46 45.00 6.90
N PHE D 70 -6.81 43.80 6.44
CA PHE D 70 -5.89 42.68 6.34
C PHE D 70 -5.82 42.25 4.88
N THR D 71 -4.70 41.64 4.49
CA THR D 71 -4.56 41.12 3.14
C THR D 71 -3.62 39.92 3.17
N ILE D 72 -4.13 38.76 2.77
CA ILE D 72 -3.38 37.51 2.79
C ILE D 72 -2.90 37.23 1.36
N SER D 73 -1.68 36.71 1.24
CA SER D 73 -1.12 36.34 -0.05
C SER D 73 -0.04 35.29 0.16
N ARG D 74 0.03 34.33 -0.76
CA ARG D 74 1.00 33.26 -0.69
C ARG D 74 1.89 33.27 -1.93
N ASP D 75 3.05 32.62 -1.80
CA ASP D 75 3.99 32.43 -2.90
C ASP D 75 4.62 31.07 -2.75
N ASP D 76 4.34 30.17 -3.70
CA ASP D 76 4.77 28.78 -3.60
C ASP D 76 6.28 28.58 -3.79
N SER D 77 7.01 29.61 -4.21
CA SER D 77 8.44 29.45 -4.40
C SER D 77 9.18 29.37 -3.08
N LYS D 78 8.75 30.14 -2.09
CA LYS D 78 9.40 30.17 -0.78
C LYS D 78 8.70 29.29 0.24
N SER D 79 7.59 28.65 -0.14
CA SER D 79 6.69 27.89 0.76
C SER D 79 6.26 28.74 1.95
N SER D 80 5.58 29.85 1.65
CA SER D 80 5.27 30.84 2.66
C SER D 80 3.85 31.36 2.48
N VAL D 81 3.24 31.74 3.60
CA VAL D 81 1.96 32.44 3.63
C VAL D 81 2.17 33.74 4.39
N TYR D 82 1.75 34.85 3.79
CA TYR D 82 1.91 36.16 4.39
C TYR D 82 0.55 36.74 4.75
N LEU D 83 0.46 37.35 5.93
CA LEU D 83 -0.73 38.07 6.36
C LEU D 83 -0.34 39.53 6.51
N GLN D 84 -0.64 40.34 5.49
CA GLN D 84 -0.32 41.76 5.51
C GLN D 84 -1.51 42.50 6.09
N MET D 85 -1.34 43.06 7.29
CA MET D 85 -2.39 43.80 7.96
C MET D 85 -2.02 45.27 8.03
N ASN D 86 -3.01 46.13 7.84
CA ASN D 86 -2.82 47.57 7.85
C ASN D 86 -3.87 48.23 8.73
N SER D 87 -3.49 49.35 9.36
CA SER D 87 -4.35 50.20 10.18
C SER D 87 -4.97 49.41 11.34
N LEU D 88 -4.09 48.95 12.22
CA LEU D 88 -4.52 48.12 13.34
C LEU D 88 -5.29 48.95 14.37
N ARG D 89 -6.16 48.26 15.11
CA ARG D 89 -7.03 48.88 16.10
C ARG D 89 -6.61 48.45 17.50
N ALA D 90 -7.40 48.86 18.49
CA ALA D 90 -7.04 48.57 19.88
C ALA D 90 -7.47 47.17 20.31
N GLU D 91 -8.36 46.53 19.56
CA GLU D 91 -8.87 45.22 19.92
C GLU D 91 -8.10 44.08 19.26
N ASP D 92 -7.00 44.38 18.59
CA ASP D 92 -6.30 43.40 17.77
C ASP D 92 -5.17 42.70 18.50
N THR D 93 -5.29 42.49 19.80
CA THR D 93 -4.29 41.79 20.59
C THR D 93 -4.64 40.31 20.66
N GLY D 94 -3.70 39.46 20.26
CA GLY D 94 -3.89 38.04 20.37
C GLY D 94 -2.80 37.29 19.65
N ILE D 95 -2.74 35.99 19.91
CA ILE D 95 -1.80 35.08 19.25
C ILE D 95 -2.37 34.78 17.87
N TYR D 96 -1.50 34.45 16.91
CA TYR D 96 -1.91 34.25 15.51
C TYR D 96 -1.30 32.96 14.97
N TYR D 97 -2.09 31.90 14.93
CA TYR D 97 -1.57 30.61 14.48
C TYR D 97 -1.50 30.55 12.96
N CYS D 98 -0.86 29.49 12.47
CA CYS D 98 -0.78 29.19 11.04
C CYS D 98 -1.16 27.73 10.84
N ILE D 99 -2.05 27.47 9.89
CA ILE D 99 -2.73 26.20 9.78
C ILE D 99 -2.49 25.64 8.39
N ARG D 100 -2.14 24.35 8.32
CA ARG D 100 -1.87 23.73 7.02
C ARG D 100 -3.17 23.54 6.24
N GLY D 101 -4.09 22.74 6.77
CA GLY D 101 -5.39 22.57 6.14
C GLY D 101 -6.46 22.38 7.18
N MET D 102 -7.49 23.22 7.16
CA MET D 102 -8.46 23.26 8.23
C MET D 102 -9.69 22.40 7.91
N THR D 103 -10.15 21.66 8.93
CA THR D 103 -11.33 20.79 8.88
C THR D 103 -11.24 19.71 7.81
N TYR D 104 -10.08 19.07 7.73
CA TYR D 104 -9.91 17.82 7.03
C TYR D 104 -8.70 17.13 7.67
N ALA D 105 -8.15 16.12 7.00
CA ALA D 105 -6.89 15.55 7.41
C ALA D 105 -5.76 16.53 7.10
N MET D 106 -4.54 16.12 7.50
CA MET D 106 -3.31 16.91 7.38
C MET D 106 -3.44 18.25 8.11
N ASP D 107 -4.16 18.26 9.23
CA ASP D 107 -4.45 19.48 9.96
C ASP D 107 -3.40 19.65 11.05
N PHE D 108 -2.45 20.55 10.83
CA PHE D 108 -1.38 20.82 11.79
C PHE D 108 -1.28 22.32 11.99
N TRP D 109 -1.69 22.79 13.16
CA TRP D 109 -1.57 24.20 13.49
C TRP D 109 -0.11 24.56 13.75
N GLY D 110 0.18 25.85 13.74
CA GLY D 110 1.54 26.29 13.98
C GLY D 110 1.85 26.47 15.45
N GLN D 111 2.54 27.54 15.78
CA GLN D 111 2.77 27.90 17.18
C GLN D 111 2.24 29.29 17.52
N GLY D 112 2.40 30.25 16.64
CA GLY D 112 1.85 31.57 16.81
C GLY D 112 2.83 32.56 17.38
N THR D 113 2.74 33.81 16.93
CA THR D 113 3.52 34.91 17.47
C THR D 113 2.55 36.02 17.87
N SER D 114 2.67 36.48 19.11
CA SER D 114 1.73 37.45 19.65
C SER D 114 2.00 38.84 19.10
N VAL D 115 0.96 39.48 18.58
CA VAL D 115 1.03 40.86 18.11
C VAL D 115 -0.03 41.68 18.83
N THR D 116 0.41 42.67 19.59
CA THR D 116 -0.48 43.54 20.34
C THR D 116 -0.26 44.99 19.93
N VAL D 117 -1.11 45.87 20.46
CA VAL D 117 -1.01 47.29 20.19
C VAL D 117 -0.78 48.03 21.50
N SER D 118 -0.30 49.26 21.40
CA SER D 118 -0.03 50.09 22.57
C SER D 118 -1.29 50.78 23.07
N THR E 1 -16.09 -34.75 -19.72
CA THR E 1 -15.41 -33.84 -18.82
C THR E 1 -14.83 -32.65 -19.58
N ASN E 2 -15.27 -31.44 -19.19
CA ASN E 2 -14.70 -30.20 -19.71
C ASN E 2 -14.61 -29.20 -18.56
N LEU E 3 -13.38 -28.90 -18.15
CA LEU E 3 -13.19 -27.98 -17.03
C LEU E 3 -13.59 -26.57 -17.42
N CYS E 4 -13.90 -25.77 -16.41
CA CYS E 4 -14.55 -24.50 -16.69
C CYS E 4 -13.71 -23.35 -16.13
N PRO E 5 -13.79 -22.12 -16.73
CA PRO E 5 -12.68 -21.17 -16.58
C PRO E 5 -12.44 -20.58 -15.20
N PHE E 6 -11.79 -21.37 -14.34
CA PHE E 6 -11.08 -20.80 -13.20
C PHE E 6 -9.74 -20.20 -13.62
N GLY E 7 -9.25 -20.52 -14.82
CA GLY E 7 -8.00 -19.96 -15.30
C GLY E 7 -8.12 -18.59 -15.90
N GLU E 8 -9.33 -18.06 -16.04
CA GLU E 8 -9.50 -16.70 -16.53
C GLU E 8 -9.60 -15.69 -15.40
N VAL E 9 -9.83 -16.14 -14.17
CA VAL E 9 -10.03 -15.23 -13.05
C VAL E 9 -8.87 -15.35 -12.08
N PHE E 10 -8.17 -16.49 -12.10
CA PHE E 10 -7.00 -16.67 -11.26
C PHE E 10 -5.71 -16.28 -11.95
N ASN E 11 -5.68 -16.39 -13.27
CA ASN E 11 -4.51 -16.08 -14.08
C ASN E 11 -4.88 -14.85 -14.92
N ALA E 12 -4.68 -13.68 -14.35
CA ALA E 12 -4.95 -12.44 -15.04
C ALA E 12 -3.83 -11.45 -14.75
N THR E 13 -3.43 -10.69 -15.76
CA THR E 13 -2.33 -9.74 -15.58
C THR E 13 -2.77 -8.48 -14.86
N ARG E 14 -4.07 -8.25 -14.70
CA ARG E 14 -4.56 -7.02 -14.09
C ARG E 14 -5.89 -7.31 -13.42
N PHE E 15 -5.90 -7.30 -12.09
CA PHE E 15 -7.15 -7.26 -11.36
C PHE E 15 -7.61 -5.82 -11.20
N ALA E 16 -8.93 -5.64 -11.22
CA ALA E 16 -9.49 -4.32 -11.00
C ALA E 16 -9.42 -3.95 -9.53
N SER E 17 -9.40 -2.65 -9.26
CA SER E 17 -9.32 -2.18 -7.89
C SER E 17 -10.64 -2.38 -7.17
N VAL E 18 -10.61 -2.21 -5.85
CA VAL E 18 -11.70 -2.71 -5.01
C VAL E 18 -12.94 -1.82 -5.06
N TYR E 19 -12.83 -0.57 -5.51
CA TYR E 19 -14.02 0.26 -5.62
C TYR E 19 -14.89 -0.16 -6.80
N ALA E 20 -14.33 -0.88 -7.77
CA ALA E 20 -15.11 -1.49 -8.86
C ALA E 20 -14.52 -2.87 -9.13
N TRP E 21 -15.02 -3.88 -8.41
CA TRP E 21 -14.59 -5.24 -8.69
C TRP E 21 -15.34 -5.79 -9.90
N ASN E 22 -14.81 -6.87 -10.46
CA ASN E 22 -15.38 -7.48 -11.65
C ASN E 22 -15.98 -8.83 -11.29
N ARG E 23 -17.30 -8.95 -11.47
CA ARG E 23 -18.03 -10.16 -11.16
C ARG E 23 -18.10 -11.02 -12.42
N LYS E 24 -17.71 -12.29 -12.30
CA LYS E 24 -17.71 -13.22 -13.43
C LYS E 24 -18.62 -14.39 -13.09
N ARG E 25 -19.82 -14.41 -13.67
CA ARG E 25 -20.77 -15.48 -13.43
C ARG E 25 -20.30 -16.74 -14.15
N ILE E 26 -19.92 -17.75 -13.38
CA ILE E 26 -19.46 -19.03 -13.93
C ILE E 26 -20.60 -20.03 -13.81
N SER E 27 -20.99 -20.62 -14.93
CA SER E 27 -22.05 -21.62 -14.94
C SER E 27 -21.77 -22.62 -16.04
N ASN E 28 -22.47 -23.76 -15.96
CA ASN E 28 -22.35 -24.91 -16.86
C ASN E 28 -20.91 -25.44 -16.87
N CYS E 29 -20.49 -25.91 -15.70
CA CYS E 29 -19.17 -26.48 -15.48
C CYS E 29 -19.27 -27.96 -15.17
N VAL E 30 -18.10 -28.59 -15.16
CA VAL E 30 -17.79 -29.62 -14.18
C VAL E 30 -16.48 -29.16 -13.52
N ALA E 31 -16.62 -28.34 -12.48
CA ALA E 31 -15.48 -27.63 -11.92
C ALA E 31 -14.65 -28.54 -11.04
N ASP E 32 -13.47 -28.06 -10.67
CA ASP E 32 -12.58 -28.79 -9.77
C ASP E 32 -12.00 -27.76 -8.82
N TYR E 33 -12.51 -27.75 -7.59
CA TYR E 33 -11.98 -26.85 -6.57
C TYR E 33 -10.78 -27.40 -5.83
N SER E 34 -10.48 -28.70 -5.99
CA SER E 34 -9.33 -29.29 -5.32
C SER E 34 -8.02 -28.92 -5.99
N VAL E 35 -8.06 -28.46 -7.25
CA VAL E 35 -6.87 -27.89 -7.88
C VAL E 35 -6.52 -26.57 -7.20
N LEU E 36 -7.53 -25.80 -6.81
CA LEU E 36 -7.32 -24.59 -6.02
C LEU E 36 -6.84 -24.94 -4.62
N TYR E 37 -7.40 -26.00 -4.03
CA TYR E 37 -7.10 -26.35 -2.65
C TYR E 37 -5.70 -26.91 -2.47
N ASN E 38 -5.11 -27.49 -3.51
CA ASN E 38 -3.80 -28.12 -3.44
C ASN E 38 -2.78 -27.39 -4.30
N SER E 39 -2.82 -26.05 -4.28
CA SER E 39 -1.89 -25.26 -5.07
C SER E 39 -0.72 -24.69 -4.26
N ALA E 40 -0.86 -24.62 -2.94
CA ALA E 40 0.19 -24.26 -1.98
C ALA E 40 0.74 -22.85 -2.19
N SER E 41 0.04 -21.99 -2.93
CA SER E 41 0.44 -20.61 -3.12
C SER E 41 -0.53 -19.62 -2.55
N PHE E 42 -1.63 -20.08 -1.94
CA PHE E 42 -2.62 -19.20 -1.36
C PHE E 42 -2.36 -19.05 0.14
N SER E 43 -2.25 -17.80 0.58
CA SER E 43 -1.99 -17.52 1.98
C SER E 43 -3.25 -17.52 2.84
N THR E 44 -4.43 -17.48 2.22
CA THR E 44 -5.68 -17.41 2.97
C THR E 44 -6.73 -18.17 2.15
N PHE E 45 -7.02 -19.40 2.55
CA PHE E 45 -8.07 -20.20 1.92
C PHE E 45 -9.05 -20.56 3.02
N LYS E 46 -10.01 -19.66 3.28
CA LYS E 46 -10.96 -19.82 4.38
C LYS E 46 -12.35 -19.94 3.78
N CYS E 47 -12.98 -21.09 3.96
CA CYS E 47 -14.33 -21.32 3.50
C CYS E 47 -15.31 -21.07 4.64
N TYR E 48 -16.50 -20.58 4.30
CA TYR E 48 -17.42 -20.07 5.31
C TYR E 48 -18.80 -20.70 5.22
N GLY E 49 -18.86 -22.03 5.14
CA GLY E 49 -20.15 -22.69 5.08
C GLY E 49 -20.12 -23.97 4.28
N VAL E 50 -18.98 -24.26 3.66
CA VAL E 50 -18.75 -25.52 2.99
C VAL E 50 -17.46 -26.12 3.53
N SER E 51 -17.43 -27.43 3.67
CA SER E 51 -16.20 -28.12 4.07
C SER E 51 -15.24 -28.10 2.89
N PRO E 52 -14.06 -27.49 3.01
CA PRO E 52 -13.23 -27.25 1.82
C PRO E 52 -12.59 -28.50 1.25
N THR E 53 -12.38 -29.53 2.07
CA THR E 53 -11.79 -30.76 1.55
C THR E 53 -12.81 -31.59 0.77
N LYS E 54 -14.11 -31.29 0.92
CA LYS E 54 -15.17 -32.04 0.26
C LYS E 54 -15.93 -31.17 -0.75
N LEU E 55 -15.24 -30.25 -1.43
CA LEU E 55 -15.91 -29.30 -2.30
C LEU E 55 -16.42 -29.93 -3.59
N ASN E 56 -15.87 -31.07 -3.99
CA ASN E 56 -16.32 -31.71 -5.23
C ASN E 56 -17.65 -32.43 -5.07
N ASP E 57 -18.03 -32.79 -3.85
CA ASP E 57 -19.29 -33.52 -3.64
C ASP E 57 -20.44 -32.57 -3.30
N LEU E 58 -20.61 -31.52 -4.11
CA LEU E 58 -21.72 -30.59 -3.98
C LEU E 58 -22.06 -30.03 -5.35
N CYS E 59 -23.32 -29.71 -5.56
CA CYS E 59 -23.80 -29.12 -6.80
C CYS E 59 -24.47 -27.79 -6.49
N PHE E 60 -24.00 -26.72 -7.11
CA PHE E 60 -24.55 -25.39 -6.96
C PHE E 60 -25.25 -24.98 -8.26
N THR E 61 -25.81 -23.78 -8.26
CA THR E 61 -26.50 -23.24 -9.43
C THR E 61 -25.65 -22.23 -10.18
N ASN E 62 -25.13 -21.22 -9.49
CA ASN E 62 -24.25 -20.24 -10.08
C ASN E 62 -23.10 -19.96 -9.13
N VAL E 63 -21.88 -20.08 -9.62
CA VAL E 63 -20.68 -19.83 -8.83
C VAL E 63 -20.09 -18.51 -9.25
N TYR E 64 -20.39 -17.46 -8.50
CA TYR E 64 -19.88 -16.13 -8.79
C TYR E 64 -18.45 -16.01 -8.28
N ALA E 65 -17.67 -15.12 -8.88
CA ALA E 65 -16.26 -14.96 -8.52
C ALA E 65 -15.88 -13.49 -8.62
N ASP E 66 -15.88 -12.81 -7.49
CA ASP E 66 -15.38 -11.43 -7.40
C ASP E 66 -13.87 -11.46 -7.31
N SER E 67 -13.23 -10.33 -7.61
CA SER E 67 -11.78 -10.23 -7.59
C SER E 67 -11.35 -8.77 -7.48
N PHE E 68 -10.45 -8.49 -6.56
CA PHE E 68 -9.97 -7.13 -6.33
C PHE E 68 -8.57 -7.19 -5.73
N VAL E 69 -7.99 -6.01 -5.50
CA VAL E 69 -6.65 -5.90 -4.93
C VAL E 69 -6.72 -4.94 -3.75
N ILE E 70 -6.34 -5.44 -2.57
CA ILE E 70 -6.32 -4.66 -1.35
C ILE E 70 -5.00 -4.91 -0.63
N ARG E 71 -4.78 -4.15 0.44
CA ARG E 71 -3.61 -4.36 1.28
C ARG E 71 -3.73 -5.69 2.02
N GLY E 72 -2.58 -6.17 2.50
CA GLY E 72 -2.58 -7.44 3.21
C GLY E 72 -3.24 -7.35 4.57
N ASP E 73 -3.10 -6.20 5.23
CA ASP E 73 -3.70 -6.01 6.55
C ASP E 73 -5.21 -5.76 6.49
N GLU E 74 -5.80 -5.74 5.30
CA GLU E 74 -7.23 -5.52 5.14
C GLU E 74 -7.93 -6.71 4.52
N VAL E 75 -7.30 -7.88 4.45
CA VAL E 75 -8.01 -9.08 4.04
C VAL E 75 -8.75 -9.72 5.21
N ARG E 76 -8.61 -9.17 6.41
CA ARG E 76 -9.46 -9.57 7.53
C ARG E 76 -10.88 -9.07 7.36
N GLN E 77 -11.10 -8.05 6.53
CA GLN E 77 -12.40 -7.46 6.32
C GLN E 77 -13.14 -8.08 5.13
N ILE E 78 -12.69 -9.23 4.66
CA ILE E 78 -13.37 -9.93 3.56
C ILE E 78 -13.90 -11.21 4.19
N ALA E 79 -14.28 -11.11 5.44
CA ALA E 79 -14.95 -12.17 6.18
C ALA E 79 -16.38 -11.73 6.52
N PRO E 80 -17.31 -12.67 6.66
CA PRO E 80 -18.68 -12.29 7.06
C PRO E 80 -18.73 -11.82 8.49
N GLY E 81 -19.19 -10.58 8.69
CA GLY E 81 -19.36 -9.99 10.00
C GLY E 81 -18.36 -8.92 10.34
N GLN E 82 -17.13 -9.02 9.83
CA GLN E 82 -16.10 -8.02 10.10
C GLN E 82 -16.38 -6.76 9.28
N THR E 83 -16.06 -5.61 9.87
CA THR E 83 -16.28 -4.31 9.25
C THR E 83 -15.01 -3.48 9.32
N GLY E 84 -15.03 -2.36 8.61
CA GLY E 84 -13.88 -1.48 8.54
C GLY E 84 -14.06 -0.46 7.43
N LYS E 85 -12.94 0.00 6.89
CA LYS E 85 -12.98 0.96 5.78
C LYS E 85 -13.04 0.29 4.42
N ILE E 86 -12.87 -1.03 4.36
CA ILE E 86 -13.05 -1.78 3.13
C ILE E 86 -14.38 -2.52 3.11
N ALA E 87 -14.76 -3.12 4.23
CA ALA E 87 -15.93 -3.97 4.26
C ALA E 87 -17.25 -3.20 4.26
N ASP E 88 -17.22 -1.89 4.40
CA ASP E 88 -18.47 -1.14 4.41
C ASP E 88 -18.61 -0.15 3.26
N TYR E 89 -17.52 0.34 2.68
CA TYR E 89 -17.61 1.27 1.58
C TYR E 89 -17.10 0.72 0.26
N ASN E 90 -16.43 -0.43 0.25
CA ASN E 90 -15.89 -0.99 -0.98
C ASN E 90 -16.52 -2.34 -1.33
N TYR E 91 -16.49 -3.32 -0.44
CA TYR E 91 -16.99 -4.65 -0.76
C TYR E 91 -17.54 -5.27 0.52
N LYS E 92 -18.86 -5.46 0.57
CA LYS E 92 -19.53 -5.97 1.77
C LYS E 92 -20.08 -7.36 1.49
N LEU E 93 -19.65 -8.33 2.28
CA LEU E 93 -20.10 -9.71 2.27
C LEU E 93 -21.29 -9.90 3.20
N PRO E 94 -22.27 -10.73 2.86
CA PRO E 94 -23.39 -10.95 3.76
C PRO E 94 -22.99 -11.84 4.93
N ASP E 95 -23.85 -11.87 5.95
CA ASP E 95 -23.60 -12.68 7.13
C ASP E 95 -24.05 -14.12 6.98
N ASP E 96 -24.85 -14.43 5.95
CA ASP E 96 -25.20 -15.79 5.61
C ASP E 96 -24.45 -16.25 4.37
N PHE E 97 -23.22 -15.75 4.22
CA PHE E 97 -22.38 -16.06 3.07
C PHE E 97 -21.93 -17.51 3.11
N THR E 98 -21.96 -18.18 1.96
CA THR E 98 -21.50 -19.57 1.81
C THR E 98 -20.52 -19.61 0.65
N GLY E 99 -19.25 -19.34 0.95
CA GLY E 99 -18.23 -19.32 -0.08
C GLY E 99 -16.86 -19.46 0.53
N CYS E 100 -15.84 -19.26 -0.31
CA CYS E 100 -14.44 -19.41 0.08
C CYS E 100 -13.67 -18.19 -0.38
N VAL E 101 -13.00 -17.52 0.54
CA VAL E 101 -12.23 -16.32 0.24
C VAL E 101 -10.77 -16.70 0.03
N ILE E 102 -10.26 -16.45 -1.17
CA ILE E 102 -8.91 -16.86 -1.57
C ILE E 102 -8.07 -15.61 -1.81
N ALA E 103 -6.84 -15.62 -1.31
CA ALA E 103 -5.93 -14.49 -1.47
C ALA E 103 -4.50 -14.98 -1.46
N TRP E 104 -3.61 -14.19 -2.05
CA TRP E 104 -2.18 -14.49 -2.05
C TRP E 104 -1.40 -13.20 -2.22
N ASN E 105 -0.13 -13.23 -1.84
CA ASN E 105 0.73 -12.07 -1.97
C ASN E 105 1.05 -11.82 -3.43
N SER E 106 1.06 -10.54 -3.81
CA SER E 106 1.21 -10.16 -5.20
C SER E 106 2.15 -8.96 -5.33
N ASN E 107 3.28 -9.02 -4.64
CA ASN E 107 4.22 -7.91 -4.69
C ASN E 107 5.06 -7.90 -5.97
N ASN E 108 5.01 -8.95 -6.77
CA ASN E 108 5.78 -8.98 -8.00
C ASN E 108 5.21 -8.04 -9.05
N LEU E 109 3.89 -7.89 -9.09
CA LEU E 109 3.23 -7.18 -10.18
C LEU E 109 2.72 -5.80 -9.77
N ASP E 110 1.98 -5.72 -8.68
CA ASP E 110 1.23 -4.52 -8.35
C ASP E 110 2.05 -3.44 -7.65
N SER E 111 3.36 -3.59 -7.57
CA SER E 111 4.20 -2.63 -6.87
C SER E 111 5.32 -2.12 -7.79
N LYS E 112 5.44 -0.80 -7.86
CA LYS E 112 6.48 -0.12 -8.61
C LYS E 112 7.23 0.79 -7.66
N VAL E 113 8.55 0.90 -7.85
CA VAL E 113 9.42 1.52 -6.84
C VAL E 113 9.21 3.03 -6.74
N GLY E 114 8.62 3.65 -7.76
CA GLY E 114 8.29 5.06 -7.65
C GLY E 114 6.88 5.24 -7.12
N GLY E 115 6.13 4.15 -7.08
CA GLY E 115 4.73 4.16 -6.69
C GLY E 115 3.91 3.54 -7.79
N ASN E 116 2.79 2.95 -7.39
CA ASN E 116 1.84 2.34 -8.32
C ASN E 116 0.46 2.85 -7.92
N TYR E 117 0.06 4.00 -8.46
CA TYR E 117 -1.15 4.69 -8.06
C TYR E 117 -2.36 4.28 -8.89
N ASN E 118 -2.35 3.09 -9.48
CA ASN E 118 -3.45 2.69 -10.34
C ASN E 118 -4.59 2.04 -9.57
N TYR E 119 -4.32 1.54 -8.36
CA TYR E 119 -5.36 0.91 -7.57
C TYR E 119 -5.97 1.93 -6.61
N LEU E 120 -7.29 2.05 -6.64
CA LEU E 120 -8.01 3.00 -5.82
C LEU E 120 -8.93 2.26 -4.85
N TYR E 121 -9.40 2.98 -3.84
CA TYR E 121 -10.35 2.44 -2.89
C TYR E 121 -11.17 3.59 -2.33
N ARG E 122 -12.44 3.31 -2.06
CA ARG E 122 -13.36 4.36 -1.63
C ARG E 122 -13.04 4.79 -0.21
N LEU E 123 -13.08 6.10 0.02
CA LEU E 123 -12.65 6.66 1.30
C LEU E 123 -13.82 6.84 2.25
N PHE E 124 -14.92 7.42 1.80
CA PHE E 124 -16.11 7.56 2.62
C PHE E 124 -17.35 7.35 1.76
N ARG E 125 -18.49 7.35 2.42
CA ARG E 125 -19.79 7.24 1.76
C ARG E 125 -20.84 7.79 2.72
N LYS E 126 -22.02 8.08 2.17
CA LYS E 126 -23.09 8.63 2.99
C LYS E 126 -23.65 7.56 3.92
N SER E 127 -23.76 6.32 3.45
CA SER E 127 -24.18 5.20 4.26
C SER E 127 -23.22 4.05 4.01
N ASN E 128 -23.54 2.88 4.58
CA ASN E 128 -22.76 1.69 4.31
C ASN E 128 -23.27 1.00 3.06
N LEU E 129 -22.73 -0.18 2.78
CA LEU E 129 -23.09 -0.93 1.59
C LEU E 129 -23.89 -2.16 1.96
N LYS E 130 -25.00 -2.37 1.25
CA LYS E 130 -25.71 -3.63 1.30
C LYS E 130 -24.84 -4.70 0.62
N PRO E 131 -25.03 -5.98 0.98
CA PRO E 131 -24.17 -7.04 0.42
C PRO E 131 -24.24 -7.16 -1.10
N PHE E 132 -23.06 -7.27 -1.71
CA PHE E 132 -22.84 -7.35 -3.15
C PHE E 132 -23.44 -6.14 -3.88
N GLU E 133 -22.89 -4.97 -3.56
CA GLU E 133 -23.27 -3.72 -4.22
C GLU E 133 -22.02 -2.88 -4.43
N ARG E 134 -21.80 -2.45 -5.67
CA ARG E 134 -20.70 -1.58 -6.00
C ARG E 134 -21.20 -0.16 -6.22
N ASP E 135 -20.30 0.81 -6.04
CA ASP E 135 -20.63 2.22 -6.21
C ASP E 135 -19.55 2.90 -7.03
N ILE E 136 -19.74 2.95 -8.34
CA ILE E 136 -18.91 3.78 -9.21
C ILE E 136 -19.62 5.13 -9.33
N SER E 137 -19.40 5.97 -8.33
CA SER E 137 -19.89 7.35 -8.33
C SER E 137 -18.68 8.21 -7.97
N THR E 138 -17.89 8.55 -8.98
CA THR E 138 -16.61 9.24 -8.77
C THR E 138 -16.84 10.73 -8.99
N GLU E 139 -17.40 11.39 -7.98
CA GLU E 139 -17.65 12.81 -8.09
C GLU E 139 -17.51 13.43 -6.70
N ILE E 140 -17.42 14.76 -6.67
CA ILE E 140 -17.11 15.52 -5.47
C ILE E 140 -18.16 15.31 -4.38
N TYR E 141 -17.71 15.14 -3.13
CA TYR E 141 -18.62 14.94 -2.02
C TYR E 141 -19.43 16.19 -1.72
N GLN E 142 -18.80 17.36 -1.84
CA GLN E 142 -19.44 18.69 -1.76
C GLN E 142 -20.12 18.90 -0.40
N ALA E 143 -19.29 18.98 0.63
CA ALA E 143 -19.73 19.49 1.91
C ALA E 143 -19.81 21.01 1.87
N GLY E 144 -20.32 21.60 2.94
CA GLY E 144 -20.35 23.05 3.04
C GLY E 144 -21.60 23.67 2.44
N SER E 145 -21.39 24.84 1.82
CA SER E 145 -22.49 25.62 1.27
C SER E 145 -22.25 26.09 -0.16
N THR E 146 -21.14 25.75 -0.78
CA THR E 146 -20.90 26.17 -2.15
C THR E 146 -20.65 24.96 -3.05
N PRO E 147 -21.12 25.01 -4.30
CA PRO E 147 -20.82 23.93 -5.25
C PRO E 147 -19.37 24.00 -5.70
N CYS E 148 -18.68 22.85 -5.63
CA CYS E 148 -17.26 22.83 -5.95
C CYS E 148 -17.01 22.96 -7.45
N ASN E 149 -17.99 22.60 -8.27
CA ASN E 149 -17.93 22.65 -9.75
C ASN E 149 -16.79 21.80 -10.30
N GLY E 150 -16.54 20.66 -9.67
CA GLY E 150 -15.63 19.68 -10.21
C GLY E 150 -14.17 19.84 -9.85
N VAL E 151 -13.84 20.67 -8.87
CA VAL E 151 -12.46 20.82 -8.42
C VAL E 151 -12.33 20.24 -7.02
N GLU E 152 -11.10 20.18 -6.52
CA GLU E 152 -10.82 19.73 -5.17
C GLU E 152 -10.25 20.89 -4.36
N GLY E 153 -10.77 21.08 -3.16
CA GLY E 153 -10.40 22.24 -2.36
C GLY E 153 -10.90 22.21 -0.93
N PHE E 154 -11.43 23.34 -0.47
CA PHE E 154 -11.72 23.53 0.95
C PHE E 154 -12.93 22.73 1.41
N ASN E 155 -13.92 22.52 0.54
CA ASN E 155 -15.07 21.72 0.89
C ASN E 155 -15.45 20.76 -0.24
N CYS E 156 -14.47 20.07 -0.82
CA CYS E 156 -14.75 19.22 -1.97
C CYS E 156 -14.56 17.73 -1.67
N TYR E 157 -13.35 17.31 -1.28
CA TYR E 157 -13.05 15.98 -0.74
C TYR E 157 -13.42 14.86 -1.72
N PHE E 158 -12.61 14.76 -2.79
CA PHE E 158 -12.73 13.67 -3.75
C PHE E 158 -12.60 12.32 -3.05
N PRO E 159 -13.57 11.42 -3.21
CA PRO E 159 -13.67 10.23 -2.35
C PRO E 159 -12.90 9.00 -2.80
N LEU E 160 -11.96 9.11 -3.74
CA LEU E 160 -11.17 7.96 -4.18
C LEU E 160 -9.69 8.26 -3.95
N GLN E 161 -9.10 7.59 -2.97
CA GLN E 161 -7.68 7.73 -2.71
C GLN E 161 -6.93 6.54 -3.30
N SER E 162 -5.71 6.79 -3.74
CA SER E 162 -4.90 5.78 -4.41
C SER E 162 -4.06 5.02 -3.41
N TYR E 163 -4.00 3.70 -3.59
CA TYR E 163 -3.03 2.88 -2.87
C TYR E 163 -1.62 3.25 -3.31
N GLY E 164 -0.81 3.73 -2.38
CA GLY E 164 0.58 3.96 -2.68
C GLY E 164 1.38 2.69 -2.47
N PHE E 165 1.61 1.95 -3.55
CA PHE E 165 2.26 0.64 -3.47
C PHE E 165 3.72 0.77 -3.86
N GLN E 166 4.57 0.07 -3.13
CA GLN E 166 6.01 0.02 -3.34
C GLN E 166 6.48 -1.38 -2.96
N PRO E 167 7.68 -1.78 -3.38
CA PRO E 167 8.23 -3.03 -2.86
C PRO E 167 8.76 -2.95 -1.44
N THR E 168 8.88 -1.74 -0.88
CA THR E 168 9.30 -1.54 0.51
C THR E 168 8.15 -0.87 1.26
N ASN E 169 7.23 -1.67 1.80
CA ASN E 169 6.16 -1.11 2.62
C ASN E 169 5.98 -1.87 3.92
N GLY E 170 6.35 -3.15 3.92
CA GLY E 170 5.94 -4.05 4.98
C GLY E 170 5.11 -5.13 4.35
N VAL E 171 5.02 -6.29 5.01
CA VAL E 171 4.32 -7.41 4.38
C VAL E 171 2.82 -7.17 4.42
N GLY E 172 2.33 -6.41 5.39
CA GLY E 172 0.91 -6.13 5.48
C GLY E 172 0.43 -5.02 4.57
N TYR E 173 1.33 -4.17 4.09
CA TYR E 173 0.97 -3.14 3.13
C TYR E 173 1.34 -3.50 1.70
N GLN E 174 1.76 -4.73 1.46
CA GLN E 174 1.99 -5.21 0.11
C GLN E 174 0.67 -5.68 -0.50
N PRO E 175 0.49 -5.57 -1.81
CA PRO E 175 -0.83 -5.84 -2.40
C PRO E 175 -1.14 -7.33 -2.44
N TYR E 176 -2.30 -7.69 -1.90
CA TYR E 176 -2.76 -9.07 -1.87
C TYR E 176 -3.93 -9.20 -2.83
N ARG E 177 -3.78 -10.04 -3.85
CA ARG E 177 -4.82 -10.22 -4.86
C ARG E 177 -5.88 -11.17 -4.31
N VAL E 178 -7.04 -10.63 -3.96
CA VAL E 178 -8.12 -11.39 -3.36
C VAL E 178 -9.09 -11.82 -4.45
N VAL E 179 -9.50 -13.08 -4.42
CA VAL E 179 -10.60 -13.57 -5.24
C VAL E 179 -11.52 -14.40 -4.36
N VAL E 180 -12.80 -14.01 -4.32
CA VAL E 180 -13.76 -14.61 -3.40
C VAL E 180 -14.84 -15.30 -4.23
N LEU E 181 -14.91 -16.63 -4.10
CA LEU E 181 -15.98 -17.38 -4.73
C LEU E 181 -17.24 -17.25 -3.90
N SER E 182 -18.38 -17.14 -4.57
CA SER E 182 -19.68 -17.08 -3.91
C SER E 182 -20.58 -18.14 -4.51
N PHE E 183 -20.76 -19.24 -3.80
CA PHE E 183 -21.63 -20.30 -4.27
C PHE E 183 -23.09 -19.92 -4.00
N GLU E 184 -23.98 -20.30 -4.90
CA GLU E 184 -25.39 -20.01 -4.77
C GLU E 184 -26.20 -21.23 -5.14
N LEU E 185 -27.22 -21.53 -4.34
CA LEU E 185 -28.16 -22.62 -4.63
C LEU E 185 -29.56 -22.02 -4.59
N LEU E 186 -29.99 -21.46 -5.71
CA LEU E 186 -31.36 -21.01 -5.86
C LEU E 186 -32.19 -22.12 -6.51
N HIS E 187 -33.51 -21.96 -6.44
CA HIS E 187 -34.42 -23.04 -6.81
C HIS E 187 -34.42 -23.23 -8.33
N ALA E 188 -33.58 -24.15 -8.80
CA ALA E 188 -33.32 -24.34 -10.21
C ALA E 188 -32.61 -25.68 -10.38
N PRO E 189 -32.45 -26.16 -11.61
CA PRO E 189 -31.50 -27.26 -11.83
C PRO E 189 -30.07 -26.83 -11.54
N ALA E 190 -29.25 -27.80 -11.14
CA ALA E 190 -27.87 -27.54 -10.76
C ALA E 190 -26.94 -27.97 -11.89
N THR E 191 -25.99 -27.10 -12.24
CA THR E 191 -25.06 -27.34 -13.33
C THR E 191 -23.62 -27.52 -12.87
N VAL E 192 -23.12 -26.63 -12.02
CA VAL E 192 -21.73 -26.68 -11.57
C VAL E 192 -21.61 -27.76 -10.50
N CYS E 193 -21.20 -28.96 -10.89
CA CYS E 193 -21.18 -30.10 -9.97
C CYS E 193 -19.77 -30.61 -9.67
N GLY E 194 -19.01 -30.98 -10.69
CA GLY E 194 -17.69 -31.54 -10.47
C GLY E 194 -17.54 -33.00 -10.86
N ASP F 1 -3.66 -22.49 -22.59
CA ASP F 1 -3.21 -21.14 -22.92
C ASP F 1 -3.92 -20.60 -24.15
N ILE F 2 -3.98 -19.27 -24.24
CA ILE F 2 -4.72 -18.59 -25.29
C ILE F 2 -3.94 -18.65 -26.59
N VAL F 3 -4.58 -19.13 -27.65
CA VAL F 3 -3.96 -19.21 -28.97
C VAL F 3 -4.55 -18.12 -29.86
N LEU F 4 -3.72 -17.57 -30.74
CA LEU F 4 -4.10 -16.48 -31.64
C LEU F 4 -3.72 -16.87 -33.07
N THR F 5 -4.63 -17.52 -33.79
CA THR F 5 -4.39 -17.82 -35.18
C THR F 5 -4.64 -16.59 -36.05
N GLN F 6 -3.88 -16.49 -37.13
CA GLN F 6 -3.91 -15.32 -38.00
C GLN F 6 -4.25 -15.74 -39.42
N SER F 7 -5.27 -15.12 -39.99
CA SER F 7 -5.75 -15.39 -41.33
C SER F 7 -5.46 -14.19 -42.24
N PRO F 8 -4.92 -14.41 -43.44
CA PRO F 8 -4.45 -15.70 -43.96
C PRO F 8 -3.00 -15.97 -43.58
N ALA F 9 -2.37 -16.95 -44.23
CA ALA F 9 -0.98 -17.26 -43.90
C ALA F 9 -0.02 -16.25 -44.52
N THR F 10 -0.38 -15.66 -45.65
CA THR F 10 0.46 -14.68 -46.33
C THR F 10 -0.40 -13.78 -47.19
N LEU F 11 0.13 -12.59 -47.47
CA LEU F 11 -0.51 -11.64 -48.38
C LEU F 11 0.40 -11.40 -49.57
N SER F 12 -0.15 -10.74 -50.58
CA SER F 12 0.62 -10.36 -51.77
C SER F 12 -0.07 -9.15 -52.39
N VAL F 13 0.55 -7.98 -52.27
CA VAL F 13 -0.05 -6.72 -52.67
C VAL F 13 0.94 -5.93 -53.52
N THR F 14 0.53 -4.72 -53.88
CA THR F 14 1.29 -3.70 -54.58
C THR F 14 1.17 -2.39 -53.82
N PRO F 15 2.17 -1.50 -53.90
CA PRO F 15 2.10 -0.23 -53.16
C PRO F 15 0.97 0.67 -53.66
N GLY F 16 0.38 1.41 -52.73
CA GLY F 16 -0.79 2.23 -53.02
C GLY F 16 -2.11 1.53 -52.83
N ASP F 17 -2.15 0.42 -52.11
CA ASP F 17 -3.37 -0.34 -51.87
C ASP F 17 -3.63 -0.41 -50.37
N ASN F 18 -4.85 -0.79 -50.01
CA ASN F 18 -5.27 -0.92 -48.62
C ASN F 18 -5.34 -2.39 -48.24
N VAL F 19 -4.70 -2.76 -47.15
CA VAL F 19 -4.63 -4.15 -46.72
C VAL F 19 -5.37 -4.31 -45.40
N SER F 20 -5.53 -5.56 -44.98
CA SER F 20 -6.27 -5.88 -43.76
C SER F 20 -5.76 -7.21 -43.22
N LEU F 21 -4.95 -7.17 -42.17
CA LEU F 21 -4.56 -8.37 -41.44
C LEU F 21 -5.60 -8.67 -40.37
N SER F 22 -5.50 -9.86 -39.78
CA SER F 22 -6.49 -10.29 -38.78
C SER F 22 -5.84 -11.25 -37.81
N CYS F 23 -6.21 -11.14 -36.53
CA CYS F 23 -5.67 -11.97 -35.46
C CYS F 23 -6.85 -12.37 -34.56
N ARG F 24 -7.46 -13.51 -34.88
CA ARG F 24 -8.63 -14.00 -34.16
C ARG F 24 -8.19 -14.81 -32.95
N ALA F 25 -8.66 -14.42 -31.77
CA ALA F 25 -8.23 -15.03 -30.52
C ALA F 25 -8.97 -16.34 -30.28
N SER F 26 -8.82 -16.90 -29.08
CA SER F 26 -9.54 -18.08 -28.66
C SER F 26 -10.53 -17.78 -27.54
N GLN F 27 -10.05 -17.21 -26.43
CA GLN F 27 -10.93 -16.73 -25.38
C GLN F 27 -11.21 -15.25 -25.62
N ILE F 28 -11.90 -14.60 -24.69
CA ILE F 28 -12.27 -13.20 -24.82
C ILE F 28 -11.14 -12.37 -24.21
N ILE F 29 -10.38 -11.68 -25.05
CA ILE F 29 -9.35 -10.76 -24.59
C ILE F 29 -9.84 -9.34 -24.85
N SER F 30 -10.31 -8.68 -23.79
CA SER F 30 -10.93 -7.36 -23.92
C SER F 30 -9.84 -6.33 -24.16
N ASN F 31 -9.60 -6.04 -25.45
CA ASN F 31 -8.64 -5.09 -26.02
C ASN F 31 -7.26 -5.12 -25.39
N ASN F 32 -6.78 -6.30 -25.01
CA ASN F 32 -5.46 -6.48 -24.44
C ASN F 32 -4.51 -7.13 -25.45
N LEU F 33 -4.63 -6.73 -26.72
CA LEU F 33 -3.83 -7.30 -27.80
C LEU F 33 -3.04 -6.22 -28.49
N HIS F 34 -1.74 -6.44 -28.63
CA HIS F 34 -0.80 -5.51 -29.24
C HIS F 34 -0.31 -6.09 -30.56
N TRP F 35 0.08 -5.22 -31.48
CA TRP F 35 0.55 -5.64 -32.80
C TRP F 35 2.02 -5.28 -32.98
N TYR F 36 2.76 -6.14 -33.66
CA TYR F 36 4.18 -5.94 -33.89
C TYR F 36 4.50 -6.00 -35.37
N GLN F 37 5.74 -5.61 -35.70
CA GLN F 37 6.25 -5.69 -37.06
C GLN F 37 7.71 -6.11 -36.99
N GLN F 38 8.05 -7.24 -37.61
CA GLN F 38 9.41 -7.74 -37.63
C GLN F 38 9.84 -7.98 -39.06
N LYS F 39 11.00 -7.44 -39.42
CA LYS F 39 11.59 -7.69 -40.72
C LYS F 39 12.49 -8.93 -40.64
N SER F 40 13.31 -9.15 -41.66
CA SER F 40 14.16 -10.34 -41.68
C SER F 40 15.37 -10.15 -40.79
N HIS F 41 15.48 -11.04 -39.79
CA HIS F 41 16.56 -11.13 -38.78
C HIS F 41 16.95 -9.77 -38.18
N GLU F 42 15.95 -9.12 -37.58
CA GLU F 42 16.17 -7.97 -36.73
C GLU F 42 15.06 -7.94 -35.69
N SER F 43 15.21 -7.07 -34.69
CA SER F 43 14.27 -7.01 -33.58
C SER F 43 12.94 -6.43 -34.03
N PRO F 44 11.84 -6.92 -33.46
CA PRO F 44 10.51 -6.39 -33.84
C PRO F 44 10.28 -4.99 -33.29
N ARG F 45 9.25 -4.35 -33.84
CA ARG F 45 8.88 -3.00 -33.45
C ARG F 45 7.45 -3.00 -32.95
N LEU F 46 7.18 -2.22 -31.92
CA LEU F 46 5.80 -2.02 -31.47
C LEU F 46 5.07 -1.14 -32.47
N LEU F 47 3.83 -1.51 -32.81
CA LEU F 47 3.07 -0.77 -33.79
C LEU F 47 1.87 -0.05 -33.17
N ILE F 48 0.96 -0.78 -32.54
CA ILE F 48 -0.17 -0.19 -31.85
C ILE F 48 -0.36 -0.92 -30.53
N LYS F 49 -0.68 -0.17 -29.47
CA LYS F 49 -0.87 -0.73 -28.15
C LYS F 49 -2.36 -0.74 -27.81
N TYR F 50 -2.78 -1.83 -27.15
CA TYR F 50 -4.17 -2.06 -26.71
C TYR F 50 -5.17 -2.01 -27.86
N ALA F 51 -4.74 -2.41 -29.05
CA ALA F 51 -5.55 -2.76 -30.22
C ALA F 51 -6.31 -1.61 -30.86
N SER F 52 -6.31 -0.42 -30.26
CA SER F 52 -6.90 0.75 -30.88
C SER F 52 -6.08 2.01 -30.76
N GLN F 53 -5.20 2.13 -29.77
CA GLN F 53 -4.41 3.32 -29.58
C GLN F 53 -3.21 3.30 -30.51
N SER F 54 -2.38 4.33 -30.45
CA SER F 54 -1.23 4.42 -31.33
C SER F 54 -0.06 5.06 -30.59
N ILE F 55 1.14 4.62 -30.92
CA ILE F 55 2.33 5.11 -30.27
C ILE F 55 3.00 6.13 -31.18
N SER F 56 3.96 6.88 -30.63
CA SER F 56 4.70 7.85 -31.39
C SER F 56 5.91 7.20 -32.07
N GLY F 57 6.19 7.66 -33.29
CA GLY F 57 7.31 7.13 -34.04
C GLY F 57 6.90 6.41 -35.31
N ILE F 58 5.77 5.71 -35.26
CA ILE F 58 5.25 4.98 -36.41
C ILE F 58 4.63 5.98 -37.37
N PRO F 59 4.47 5.65 -38.66
CA PRO F 59 3.72 6.54 -39.56
C PRO F 59 2.24 6.56 -39.22
N SER F 60 1.53 7.46 -39.91
CA SER F 60 0.14 7.74 -39.61
C SER F 60 -0.84 6.77 -40.28
N ARG F 61 -0.35 5.71 -40.90
CA ARG F 61 -1.21 4.79 -41.63
C ARG F 61 -1.41 3.45 -40.94
N PHE F 62 -0.62 3.14 -39.90
CA PHE F 62 -0.80 1.91 -39.14
C PHE F 62 -1.84 2.18 -38.05
N SER F 63 -3.10 1.85 -38.34
CA SER F 63 -4.19 2.03 -37.38
C SER F 63 -5.06 0.79 -37.42
N GLY F 64 -5.20 0.12 -36.27
CA GLY F 64 -6.05 -1.04 -36.18
C GLY F 64 -7.15 -0.86 -35.15
N SER F 65 -8.22 -1.63 -35.26
CA SER F 65 -9.35 -1.50 -34.35
C SER F 65 -9.95 -2.88 -34.12
N GLY F 66 -10.90 -2.94 -33.21
CA GLY F 66 -11.59 -4.16 -32.87
C GLY F 66 -11.50 -4.47 -31.38
N SER F 67 -12.46 -5.27 -30.91
CA SER F 67 -12.48 -5.72 -29.53
C SER F 67 -13.18 -7.07 -29.49
N GLY F 68 -13.11 -7.72 -28.34
CA GLY F 68 -13.70 -9.04 -28.18
C GLY F 68 -12.68 -10.14 -28.47
N THR F 69 -12.97 -10.97 -29.47
CA THR F 69 -12.05 -12.02 -29.88
C THR F 69 -11.48 -11.83 -31.27
N ASP F 70 -12.01 -10.89 -32.05
CA ASP F 70 -11.58 -10.67 -33.43
C ASP F 70 -11.03 -9.26 -33.57
N PHE F 71 -9.78 -9.16 -34.05
CA PHE F 71 -9.11 -7.88 -34.23
C PHE F 71 -8.55 -7.81 -35.65
N THR F 72 -8.45 -6.58 -36.16
CA THR F 72 -7.94 -6.32 -37.50
C THR F 72 -6.88 -5.23 -37.47
N LEU F 73 -5.80 -5.44 -38.20
CA LEU F 73 -4.82 -4.41 -38.48
C LEU F 73 -4.93 -4.02 -39.95
N SER F 74 -5.02 -2.72 -40.21
CA SER F 74 -5.28 -2.22 -41.55
C SER F 74 -4.27 -1.12 -41.88
N ILE F 75 -3.59 -1.27 -43.02
CA ILE F 75 -2.66 -0.27 -43.54
C ILE F 75 -3.26 0.27 -44.83
N ASN F 76 -3.36 1.58 -44.94
CA ASN F 76 -3.75 2.21 -46.20
C ASN F 76 -2.61 3.05 -46.74
N SER F 77 -2.51 3.09 -48.07
CA SER F 77 -1.36 3.64 -48.83
C SER F 77 -0.06 2.97 -48.38
N VAL F 78 -0.01 1.66 -48.62
CA VAL F 78 1.15 0.86 -48.25
C VAL F 78 2.32 1.21 -49.16
N GLU F 79 3.52 1.21 -48.60
CA GLU F 79 4.72 1.59 -49.33
C GLU F 79 5.61 0.37 -49.55
N THR F 80 6.72 0.59 -50.24
CA THR F 80 7.69 -0.46 -50.53
C THR F 80 8.71 -0.65 -49.41
N GLU F 81 8.53 0.03 -48.28
CA GLU F 81 9.38 -0.15 -47.11
C GLU F 81 8.62 -0.76 -45.94
N ASP F 82 7.42 -1.30 -46.19
CA ASP F 82 6.58 -1.88 -45.13
C ASP F 82 6.36 -3.37 -45.33
N PHE F 83 7.05 -4.00 -46.27
CA PHE F 83 6.93 -5.44 -46.44
C PHE F 83 7.76 -6.15 -45.39
N GLY F 84 7.16 -7.17 -44.77
CA GLY F 84 7.83 -7.88 -43.68
C GLY F 84 6.91 -8.90 -43.07
N MET F 85 7.03 -9.06 -41.76
CA MET F 85 6.20 -9.99 -41.00
C MET F 85 5.58 -9.27 -39.82
N TYR F 86 4.31 -9.56 -39.55
CA TYR F 86 3.53 -8.83 -38.55
C TYR F 86 2.95 -9.81 -37.54
N PHE F 87 3.22 -9.59 -36.26
CA PHE F 87 2.80 -10.48 -35.20
C PHE F 87 1.81 -9.76 -34.28
N CYS F 88 0.87 -10.53 -33.74
CA CYS F 88 0.03 -10.07 -32.64
C CYS F 88 0.47 -10.75 -31.36
N GLN F 89 0.06 -10.18 -30.23
CA GLN F 89 0.51 -10.67 -28.93
C GLN F 89 -0.52 -10.30 -27.87
N GLN F 90 -1.15 -11.32 -27.27
CA GLN F 90 -2.13 -11.06 -26.24
C GLN F 90 -1.45 -10.71 -24.92
N SER F 91 -2.21 -10.08 -24.04
CA SER F 91 -1.69 -9.70 -22.73
C SER F 91 -2.69 -9.90 -21.61
N ASN F 92 -3.82 -10.55 -21.84
CA ASN F 92 -4.85 -10.63 -20.81
C ASN F 92 -4.53 -11.69 -19.77
N THR F 93 -4.44 -12.95 -20.18
CA THR F 93 -4.18 -14.05 -19.26
C THR F 93 -2.80 -14.63 -19.51
N TRP F 94 -2.24 -15.21 -18.48
CA TRP F 94 -0.92 -15.82 -18.51
C TRP F 94 -1.00 -17.23 -19.10
N PRO F 95 0.04 -17.66 -19.84
CA PRO F 95 1.21 -16.89 -20.26
C PRO F 95 0.95 -16.10 -21.53
N LEU F 96 1.77 -15.09 -21.80
CA LEU F 96 1.56 -14.26 -22.98
C LEU F 96 2.02 -15.02 -24.22
N THR F 97 1.08 -15.33 -25.11
CA THR F 97 1.37 -16.10 -26.30
C THR F 97 1.23 -15.20 -27.52
N CYS F 98 2.24 -15.21 -28.38
CA CYS F 98 2.21 -14.48 -29.63
C CYS F 98 1.62 -15.37 -30.73
N GLY F 99 1.36 -14.78 -31.89
CA GLY F 99 0.82 -15.49 -33.01
C GLY F 99 1.91 -15.94 -33.97
N SER F 100 1.50 -16.75 -34.95
CA SER F 100 2.46 -17.26 -35.92
C SER F 100 2.87 -16.22 -36.94
N GLY F 101 2.07 -15.16 -37.12
CA GLY F 101 2.46 -14.05 -37.96
C GLY F 101 2.13 -14.19 -39.42
N THR F 102 1.69 -13.10 -40.03
CA THR F 102 1.41 -13.04 -41.47
C THR F 102 2.61 -12.41 -42.16
N LYS F 103 2.89 -12.87 -43.37
CA LYS F 103 4.01 -12.39 -44.16
C LYS F 103 3.48 -11.49 -45.26
N LEU F 104 3.80 -10.20 -45.19
CA LEU F 104 3.36 -9.23 -46.18
C LEU F 104 4.47 -9.03 -47.19
N GLU F 105 4.29 -9.54 -48.40
CA GLU F 105 5.27 -9.39 -49.48
C GLU F 105 4.63 -8.63 -50.64
N LEU F 106 5.45 -8.32 -51.64
CA LEU F 106 5.03 -7.44 -52.73
C LEU F 106 5.09 -8.19 -54.06
N ASN F 107 4.05 -8.01 -54.87
CA ASN F 107 4.00 -8.56 -56.22
C ASN F 107 4.83 -7.72 -57.19
N GLN G 1 19.49 8.32 -25.38
CA GLN G 1 19.43 7.01 -26.00
C GLN G 1 18.77 5.99 -25.07
N ILE G 2 18.01 5.07 -25.65
CA ILE G 2 17.35 4.00 -24.90
C ILE G 2 17.56 2.72 -25.71
N GLN G 3 18.41 1.82 -25.19
CA GLN G 3 18.67 0.57 -25.88
C GLN G 3 19.06 -0.49 -24.87
N LEU G 4 18.99 -1.75 -25.32
CA LEU G 4 19.34 -2.92 -24.51
C LEU G 4 20.28 -3.77 -25.34
N VAL G 5 21.58 -3.46 -25.26
CA VAL G 5 22.56 -4.19 -26.06
C VAL G 5 22.94 -5.49 -25.35
N GLN G 6 22.91 -6.58 -26.09
CA GLN G 6 23.20 -7.91 -25.58
C GLN G 6 24.65 -8.28 -25.91
N SER G 7 24.98 -9.54 -25.65
CA SER G 7 26.30 -10.06 -25.97
C SER G 7 26.34 -10.52 -27.42
N GLY G 8 27.39 -11.24 -27.80
CA GLY G 8 27.55 -11.73 -29.15
C GLY G 8 26.99 -13.12 -29.33
N PRO G 9 27.06 -13.63 -30.56
CA PRO G 9 26.56 -14.99 -30.82
C PRO G 9 27.47 -16.04 -30.20
N GLU G 10 26.91 -17.22 -29.97
CA GLU G 10 27.58 -18.31 -29.29
C GLU G 10 27.69 -19.51 -30.21
N LEU G 11 28.43 -20.52 -29.73
CA LEU G 11 28.57 -21.78 -30.46
C LEU G 11 28.90 -22.85 -29.42
N LYS G 12 27.89 -23.63 -29.02
CA LYS G 12 28.06 -24.68 -28.04
C LYS G 12 27.70 -26.03 -28.65
N LYS G 13 28.08 -27.09 -27.95
CA LYS G 13 27.77 -28.47 -28.25
C LYS G 13 26.88 -29.05 -27.16
N PRO G 14 26.06 -30.07 -27.44
CA PRO G 14 25.09 -30.57 -26.46
C PRO G 14 25.74 -31.13 -25.20
N GLY G 15 25.38 -30.54 -24.05
CA GLY G 15 25.90 -30.95 -22.77
C GLY G 15 26.44 -29.81 -21.95
N GLU G 16 26.55 -28.63 -22.53
CA GLU G 16 27.13 -27.47 -21.87
C GLU G 16 26.03 -26.46 -21.53
N THR G 17 26.42 -25.44 -20.76
CA THR G 17 25.53 -24.36 -20.35
C THR G 17 26.00 -23.05 -20.95
N VAL G 18 25.09 -22.34 -21.61
CA VAL G 18 25.40 -21.07 -22.25
C VAL G 18 24.80 -19.96 -21.40
N LYS G 19 25.40 -18.77 -21.48
CA LYS G 19 24.96 -17.62 -20.70
C LYS G 19 24.87 -16.41 -21.61
N ILE G 20 23.70 -15.76 -21.61
CA ILE G 20 23.43 -14.61 -22.47
C ILE G 20 23.14 -13.40 -21.58
N SER G 21 23.91 -12.34 -21.75
CA SER G 21 23.71 -11.12 -20.99
C SER G 21 22.81 -10.15 -21.76
N CYS G 22 22.22 -9.22 -21.01
CA CYS G 22 21.34 -8.20 -21.60
C CYS G 22 21.45 -6.95 -20.73
N LYS G 23 22.25 -6.00 -21.18
CA LYS G 23 22.58 -4.82 -20.40
C LYS G 23 21.68 -3.66 -20.80
N ALA G 24 20.92 -3.14 -19.84
CA ALA G 24 20.02 -2.02 -20.08
C ALA G 24 20.76 -0.70 -19.85
N SER G 25 20.36 0.31 -20.61
CA SER G 25 21.07 1.58 -20.59
C SER G 25 20.12 2.71 -20.96
N GLY G 26 20.40 3.89 -20.42
CA GLY G 26 19.69 5.09 -20.79
C GLY G 26 18.50 5.43 -19.90
N TYR G 27 17.70 4.44 -19.57
CA TYR G 27 16.54 4.63 -18.71
C TYR G 27 16.80 4.01 -17.34
N THR G 28 15.98 4.41 -16.37
CA THR G 28 16.14 3.89 -15.01
C THR G 28 15.63 2.46 -14.94
N PHE G 29 16.45 1.57 -14.37
CA PHE G 29 16.28 0.13 -14.56
C PHE G 29 15.05 -0.41 -13.84
N THR G 30 14.77 0.09 -12.63
CA THR G 30 13.76 -0.51 -11.77
C THR G 30 12.36 0.06 -12.00
N ASP G 31 12.07 0.58 -13.19
CA ASP G 31 10.72 0.99 -13.54
C ASP G 31 9.92 -0.14 -14.16
N TYR G 32 10.50 -0.86 -15.12
CA TYR G 32 9.81 -1.91 -15.85
C TYR G 32 10.51 -3.24 -15.61
N GLY G 33 9.85 -4.32 -16.02
CA GLY G 33 10.44 -5.64 -15.96
C GLY G 33 11.35 -5.90 -17.14
N LEU G 34 11.70 -7.16 -17.32
CA LEU G 34 12.51 -7.61 -18.46
C LEU G 34 12.01 -8.97 -18.88
N ASN G 35 11.60 -9.09 -20.15
CA ASN G 35 11.02 -10.32 -20.66
C ASN G 35 11.95 -10.92 -21.71
N TRP G 36 12.00 -12.24 -21.76
CA TRP G 36 12.83 -12.95 -22.71
C TRP G 36 11.97 -13.65 -23.76
N VAL G 37 12.37 -13.54 -25.02
CA VAL G 37 11.60 -14.04 -26.15
C VAL G 37 12.52 -14.91 -27.01
N LYS G 38 12.13 -16.15 -27.24
CA LYS G 38 12.89 -17.08 -28.06
C LYS G 38 12.20 -17.26 -29.40
N GLN G 39 12.95 -17.12 -30.48
CA GLN G 39 12.43 -17.29 -31.85
C GLN G 39 13.32 -18.25 -32.60
N ALA G 40 12.84 -19.48 -32.80
CA ALA G 40 13.53 -20.42 -33.67
C ALA G 40 13.37 -19.98 -35.13
N PRO G 41 14.29 -20.38 -36.01
CA PRO G 41 14.12 -20.05 -37.44
C PRO G 41 12.91 -20.74 -38.06
N GLY G 42 11.90 -19.96 -38.38
CA GLY G 42 10.66 -20.48 -38.92
C GLY G 42 9.58 -20.78 -37.91
N LYS G 43 9.40 -19.92 -36.91
CA LYS G 43 8.41 -20.13 -35.85
C LYS G 43 8.11 -18.77 -35.22
N GLY G 44 7.03 -18.69 -34.46
CA GLY G 44 6.64 -17.46 -33.81
C GLY G 44 7.43 -17.21 -32.54
N LEU G 45 7.09 -16.11 -31.88
CA LEU G 45 7.79 -15.65 -30.69
C LEU G 45 7.19 -16.31 -29.45
N LYS G 46 8.00 -17.10 -28.75
CA LYS G 46 7.56 -17.78 -27.53
C LYS G 46 8.12 -17.03 -26.32
N TRP G 47 7.22 -16.53 -25.48
CA TRP G 47 7.60 -15.77 -24.29
C TRP G 47 8.20 -16.70 -23.25
N MET G 48 9.46 -16.49 -22.91
CA MET G 48 10.16 -17.42 -22.02
C MET G 48 9.84 -17.16 -20.56
N GLY G 49 9.53 -15.94 -20.19
CA GLY G 49 9.21 -15.59 -18.82
C GLY G 49 9.91 -14.30 -18.47
N TRP G 50 9.30 -13.52 -17.58
CA TRP G 50 9.85 -12.23 -17.23
C TRP G 50 10.69 -12.32 -15.97
N ILE G 51 11.21 -11.18 -15.55
CA ILE G 51 11.98 -11.06 -14.32
C ILE G 51 11.73 -9.68 -13.73
N ASN G 52 11.46 -9.61 -12.43
CA ASN G 52 11.35 -8.34 -11.76
C ASN G 52 12.73 -7.69 -11.69
N THR G 53 12.77 -6.36 -11.81
CA THR G 53 14.03 -5.64 -11.85
C THR G 53 14.39 -5.02 -10.52
N TYR G 54 13.60 -5.26 -9.48
CA TYR G 54 13.96 -4.82 -8.13
C TYR G 54 14.47 -5.96 -7.26
N SER G 55 13.74 -7.07 -7.21
CA SER G 55 14.12 -8.19 -6.36
C SER G 55 14.89 -9.28 -7.09
N GLY G 56 14.63 -9.48 -8.38
CA GLY G 56 15.28 -10.51 -9.15
C GLY G 56 14.52 -11.81 -9.23
N GLU G 57 13.33 -11.87 -8.65
CA GLU G 57 12.55 -13.11 -8.65
C GLU G 57 11.94 -13.34 -10.02
N PRO G 58 12.29 -14.41 -10.72
CA PRO G 58 11.76 -14.63 -12.06
C PRO G 58 10.36 -15.24 -12.01
N THR G 59 9.80 -15.44 -13.20
CA THR G 59 8.53 -16.15 -13.35
C THR G 59 8.58 -16.84 -14.71
N TYR G 60 8.92 -18.12 -14.71
CA TYR G 60 9.11 -18.86 -15.95
C TYR G 60 7.78 -19.27 -16.55
N ASN G 61 7.75 -19.33 -17.88
CA ASN G 61 6.68 -20.02 -18.58
C ASN G 61 6.72 -21.51 -18.25
N ASP G 62 5.56 -22.17 -18.35
CA ASP G 62 5.48 -23.59 -18.00
C ASP G 62 6.21 -24.47 -18.99
N GLU G 63 6.39 -24.00 -20.23
CA GLU G 63 7.12 -24.77 -21.22
C GLU G 63 8.62 -24.77 -20.91
N PHE G 64 9.15 -23.61 -20.55
CA PHE G 64 10.56 -23.47 -20.17
C PHE G 64 10.70 -23.50 -18.65
N ARG G 65 10.23 -24.59 -18.05
CA ARG G 65 10.22 -24.70 -16.60
C ARG G 65 11.59 -25.08 -16.06
N GLY G 66 12.08 -26.26 -16.42
CA GLY G 66 13.43 -26.63 -16.09
C GLY G 66 14.42 -26.07 -17.10
N ARG G 67 15.71 -26.26 -16.79
CA ARG G 67 16.88 -25.97 -17.63
C ARG G 67 17.12 -24.49 -17.88
N PHE G 68 16.27 -23.59 -17.40
CA PHE G 68 16.43 -22.16 -17.65
C PHE G 68 16.47 -21.42 -16.31
N ALA G 69 17.22 -20.33 -16.28
CA ALA G 69 17.35 -19.54 -15.06
C ALA G 69 17.64 -18.10 -15.44
N PHE G 70 16.80 -17.17 -14.97
CA PHE G 70 17.00 -15.74 -15.22
C PHE G 70 17.66 -15.15 -13.98
N SER G 71 18.99 -15.25 -13.91
CA SER G 71 19.67 -14.59 -12.82
C SER G 71 19.80 -13.10 -13.11
N LEU G 72 19.93 -12.32 -12.04
CA LEU G 72 20.01 -10.87 -12.17
C LEU G 72 21.14 -10.33 -11.30
N GLU G 73 22.02 -9.56 -11.92
CA GLU G 73 23.02 -8.79 -11.20
C GLU G 73 22.59 -7.33 -11.17
N THR G 74 22.78 -6.68 -10.02
CA THR G 74 22.25 -5.35 -9.80
C THR G 74 23.35 -4.29 -9.64
N SER G 75 24.58 -4.72 -9.35
CA SER G 75 25.71 -3.79 -9.29
C SER G 75 25.98 -3.18 -10.66
N THR G 76 26.21 -4.04 -11.65
CA THR G 76 26.07 -3.63 -13.05
C THR G 76 24.62 -3.86 -13.47
N ILE G 77 24.16 -3.06 -14.42
CA ILE G 77 22.80 -3.21 -14.93
C ILE G 77 22.85 -4.29 -16.00
N THR G 78 22.49 -5.52 -15.63
CA THR G 78 22.61 -6.67 -16.52
C THR G 78 21.69 -7.78 -16.01
N ALA G 79 20.87 -8.34 -16.91
CA ALA G 79 20.08 -9.52 -16.60
C ALA G 79 20.57 -10.67 -17.47
N TYR G 80 20.88 -11.80 -16.82
CA TYR G 80 21.45 -12.94 -17.51
C TYR G 80 20.38 -13.97 -17.86
N LEU G 81 20.79 -14.95 -18.66
CA LEU G 81 19.96 -16.11 -18.98
C LEU G 81 20.88 -17.32 -19.07
N LYS G 82 20.64 -18.31 -18.23
CA LYS G 82 21.47 -19.51 -18.17
C LYS G 82 20.65 -20.70 -18.64
N ILE G 83 21.06 -21.30 -19.75
CA ILE G 83 20.37 -22.45 -20.33
C ILE G 83 21.19 -23.68 -19.99
N ASN G 84 20.66 -24.51 -19.10
CA ASN G 84 21.38 -25.69 -18.63
C ASN G 84 21.06 -26.90 -19.50
N ASN G 85 22.09 -27.73 -19.76
CA ASN G 85 21.98 -29.03 -20.43
C ASN G 85 21.38 -28.88 -21.83
N LEU G 86 22.15 -28.22 -22.69
CA LEU G 86 21.69 -27.85 -24.03
C LEU G 86 21.37 -29.06 -24.89
N LYS G 87 20.19 -29.06 -25.49
CA LYS G 87 19.81 -30.00 -26.52
C LYS G 87 19.90 -29.30 -27.87
N ASN G 88 19.45 -29.99 -28.92
CA ASN G 88 19.39 -29.36 -30.24
C ASN G 88 18.08 -28.64 -30.50
N GLU G 89 17.23 -28.48 -29.50
CA GLU G 89 16.00 -27.71 -29.64
C GLU G 89 16.20 -26.23 -29.32
N ASP G 90 17.29 -25.88 -28.65
CA ASP G 90 17.52 -24.51 -28.22
C ASP G 90 18.39 -23.73 -29.20
N THR G 91 18.28 -24.01 -30.49
CA THR G 91 18.94 -23.22 -31.52
C THR G 91 17.96 -22.16 -32.03
N ALA G 92 18.18 -20.91 -31.63
CA ALA G 92 17.23 -19.84 -31.86
C ALA G 92 17.94 -18.51 -31.62
N THR G 93 17.18 -17.43 -31.68
CA THR G 93 17.63 -16.12 -31.25
C THR G 93 16.88 -15.74 -29.98
N TYR G 94 17.56 -15.03 -29.08
CA TYR G 94 17.04 -14.78 -27.75
C TYR G 94 17.02 -13.27 -27.48
N PHE G 95 15.89 -12.63 -27.73
CA PHE G 95 15.76 -11.21 -27.44
C PHE G 95 15.44 -11.01 -25.96
N CYS G 96 15.76 -9.81 -25.48
CA CYS G 96 15.28 -9.35 -24.18
C CYS G 96 14.49 -8.09 -24.40
N ALA G 97 13.23 -8.09 -23.99
CA ALA G 97 12.31 -7.01 -24.29
C ALA G 97 11.82 -6.36 -23.00
N ARG G 98 11.77 -5.04 -22.98
CA ARG G 98 11.38 -4.29 -21.79
C ARG G 98 9.86 -4.26 -21.71
N GLY G 99 9.29 -5.27 -21.05
CA GLY G 99 7.87 -5.29 -20.79
C GLY G 99 7.59 -4.73 -19.41
N GLY G 100 6.50 -3.98 -19.32
CA GLY G 100 6.22 -3.22 -18.12
C GLY G 100 5.76 -4.08 -16.97
N ASN G 101 5.57 -3.41 -15.82
CA ASN G 101 5.01 -4.02 -14.64
C ASN G 101 3.52 -3.76 -14.51
N TRP G 102 2.96 -2.94 -15.40
CA TRP G 102 1.53 -2.70 -15.44
C TRP G 102 0.96 -2.71 -16.85
N ASP G 103 1.80 -2.64 -17.89
CA ASP G 103 1.35 -2.55 -19.27
C ASP G 103 1.50 -3.86 -20.04
N TRP G 104 2.69 -4.47 -19.99
CA TRP G 104 3.03 -5.73 -20.67
C TRP G 104 2.87 -5.63 -22.19
N TYR G 105 3.37 -4.54 -22.76
CA TYR G 105 3.73 -4.51 -24.17
C TYR G 105 5.24 -4.33 -24.26
N PHE G 106 5.83 -4.91 -25.29
CA PHE G 106 7.29 -4.98 -25.39
C PHE G 106 7.76 -3.79 -26.20
N ASP G 107 8.06 -2.69 -25.49
CA ASP G 107 8.32 -1.41 -26.13
C ASP G 107 9.67 -1.39 -26.86
N VAL G 108 10.77 -1.58 -26.12
CA VAL G 108 12.10 -1.53 -26.68
C VAL G 108 12.73 -2.91 -26.57
N TRP G 109 13.26 -3.41 -27.70
CA TRP G 109 13.81 -4.75 -27.79
C TRP G 109 15.33 -4.67 -27.87
N GLY G 110 15.97 -5.84 -27.81
CA GLY G 110 17.41 -5.90 -27.93
C GLY G 110 17.87 -6.14 -29.35
N ALA G 111 18.88 -6.99 -29.51
CA ALA G 111 19.38 -7.37 -30.84
C ALA G 111 19.25 -8.85 -31.12
N GLY G 112 19.68 -9.70 -30.19
CA GLY G 112 19.56 -11.13 -30.37
C GLY G 112 20.89 -11.85 -30.48
N THR G 113 21.06 -12.91 -29.70
CA THR G 113 22.28 -13.71 -29.70
C THR G 113 21.92 -15.10 -30.24
N THR G 114 22.26 -15.35 -31.50
CA THR G 114 21.86 -16.57 -32.19
C THR G 114 22.67 -17.74 -31.68
N VAL G 115 22.21 -18.33 -30.58
CA VAL G 115 22.84 -19.53 -30.02
C VAL G 115 22.55 -20.70 -30.94
N THR G 116 23.59 -21.36 -31.42
CA THR G 116 23.44 -22.55 -32.24
C THR G 116 24.16 -23.72 -31.59
N VAL G 117 23.61 -24.92 -31.80
CA VAL G 117 24.11 -26.14 -31.17
C VAL G 117 24.27 -27.23 -32.23
N SER G 118 25.44 -27.87 -32.23
CA SER G 118 25.73 -28.98 -33.12
C SER G 118 26.85 -29.80 -32.49
N SER G 119 27.15 -30.94 -33.12
CA SER G 119 28.24 -31.79 -32.65
C SER G 119 29.57 -31.37 -33.25
#